data_6QGN
#
_entry.id   6QGN
#
_cell.length_a   58.900
_cell.length_b   109.616
_cell.length_c   174.713
_cell.angle_alpha   90.00
_cell.angle_beta   90.00
_cell.angle_gamma   90.00
#
_symmetry.space_group_name_H-M   'P 21 21 21'
#
loop_
_entity.id
_entity.type
_entity.pdbx_description
1 polymer 'Acyl-protein thioesterase 1'
2 non-polymer '2-Bromopalmitic acid'
3 water water
#
_entity_poly.entity_id   1
_entity_poly.type   'polypeptide(L)'
_entity_poly.pdbx_seq_one_letter_code
;GSRMSGNNMSTPLPAIVPAARKATAAVIFLHGLGDTGHGWAEAFAGIRSSHIKYICPHAPVRPVTLNMNVAMPSWFDIIG
LSPDSQEDESGIKQAAENIKALIDQEVKNGIPSNRIILGGFSQGGALSLYTALTTQQKLAGVTALSCWLPLRASFPQGPI
GGANRDISILQCHGDCDPLVPLMFGSLTVEKLKTLVNPANVTFKTYEGMMHSSCQQEMMDVKQFIDKLLPPID
;
_entity_poly.pdbx_strand_id   A,B,C,D
#
# COMPACT_ATOMS: atom_id res chain seq x y z
N THR A 11 -32.20 -21.15 -8.45
CA THR A 11 -32.43 -19.84 -9.06
C THR A 11 -33.67 -19.17 -8.50
N PRO A 12 -33.52 -18.35 -7.46
CA PRO A 12 -34.59 -17.43 -7.10
C PRO A 12 -34.79 -16.45 -8.24
N LEU A 13 -36.04 -16.14 -8.54
CA LEU A 13 -36.34 -15.45 -9.77
C LEU A 13 -35.87 -13.99 -9.69
N PRO A 14 -35.31 -13.46 -10.77
CA PRO A 14 -34.81 -12.08 -10.76
C PRO A 14 -35.85 -11.06 -10.34
N ALA A 15 -35.39 -10.03 -9.63
CA ALA A 15 -36.21 -8.86 -9.38
C ALA A 15 -36.41 -8.11 -10.70
N ILE A 16 -37.66 -7.83 -11.04
CA ILE A 16 -38.00 -7.21 -12.32
C ILE A 16 -38.75 -5.90 -12.08
N VAL A 17 -38.40 -4.90 -12.87
CA VAL A 17 -39.21 -3.69 -13.04
C VAL A 17 -39.91 -3.83 -14.40
N PRO A 18 -41.19 -4.16 -14.44
CA PRO A 18 -41.82 -4.41 -15.74
C PRO A 18 -41.98 -3.14 -16.55
N ALA A 19 -42.22 -3.35 -17.82
CA ALA A 19 -42.64 -2.23 -18.68
C ALA A 19 -44.06 -1.86 -18.27
N ALA A 20 -44.44 -0.61 -18.55
CA ALA A 20 -45.79 -0.08 -18.25
C ALA A 20 -46.84 -1.11 -18.75
N ARG A 21 -46.98 -1.23 -20.08
CA ARG A 21 -47.94 -2.21 -20.62
C ARG A 21 -47.38 -2.94 -21.85
N LYS A 22 -46.44 -2.29 -22.56
CA LYS A 22 -45.85 -2.89 -23.78
C LYS A 22 -44.33 -2.76 -23.73
N ALA A 23 -43.63 -3.87 -23.47
CA ALA A 23 -42.16 -3.86 -23.39
C ALA A 23 -41.52 -4.02 -24.78
N THR A 24 -40.72 -3.04 -25.19
CA THR A 24 -39.98 -3.16 -26.44
C THR A 24 -38.47 -3.19 -26.24
N ALA A 25 -38.00 -3.21 -25.00
CA ALA A 25 -36.57 -3.25 -24.74
C ALA A 25 -36.36 -3.72 -23.30
N ALA A 26 -35.12 -4.11 -22.99
CA ALA A 26 -34.82 -4.64 -21.67
C ALA A 26 -33.44 -4.20 -21.22
N VAL A 27 -33.29 -4.11 -19.90
CA VAL A 27 -32.02 -3.85 -19.25
C VAL A 27 -31.76 -4.99 -18.27
N ILE A 28 -30.67 -5.70 -18.46
CA ILE A 28 -30.26 -6.75 -17.54
C ILE A 28 -29.09 -6.20 -16.74
N PHE A 29 -29.26 -6.09 -15.42
CA PHE A 29 -28.27 -5.46 -14.56
C PHE A 29 -27.84 -6.41 -13.44
N LEU A 30 -26.53 -6.59 -13.30
CA LEU A 30 -25.95 -7.52 -12.34
C LEU A 30 -25.38 -6.76 -11.15
N HIS A 31 -25.80 -7.12 -9.95
CA HIS A 31 -25.34 -6.47 -8.73
C HIS A 31 -23.90 -6.86 -8.42
N GLY A 32 -23.35 -6.21 -7.38
CA GLY A 32 -21.99 -6.45 -6.94
C GLY A 32 -21.90 -7.44 -5.79
N LEU A 33 -20.68 -7.54 -5.24
CA LEU A 33 -20.39 -8.55 -4.23
C LEU A 33 -21.39 -8.49 -3.09
N GLY A 34 -21.86 -9.67 -2.67
CA GLY A 34 -22.68 -9.78 -1.47
C GLY A 34 -24.11 -9.31 -1.59
N ASP A 35 -24.50 -8.72 -2.71
CA ASP A 35 -25.80 -8.07 -2.84
C ASP A 35 -26.83 -9.06 -3.41
N THR A 36 -28.11 -8.70 -3.30
CA THR A 36 -29.15 -9.28 -4.12
C THR A 36 -29.46 -8.32 -5.26
N GLY A 37 -30.33 -8.75 -6.16
CA GLY A 37 -30.79 -7.90 -7.25
C GLY A 37 -31.79 -6.82 -6.86
N HIS A 38 -32.26 -6.83 -5.61
CA HIS A 38 -33.43 -6.00 -5.25
C HIS A 38 -33.06 -4.52 -5.16
N GLY A 39 -31.92 -4.21 -4.54
CA GLY A 39 -31.56 -2.80 -4.38
C GLY A 39 -31.38 -2.08 -5.70
N TRP A 40 -30.78 -2.76 -6.68
CA TRP A 40 -30.59 -2.15 -8.00
C TRP A 40 -31.91 -2.05 -8.77
N ALA A 41 -32.78 -3.04 -8.63
CA ALA A 41 -34.07 -2.98 -9.35
C ALA A 41 -34.89 -1.78 -8.90
N GLU A 42 -34.84 -1.45 -7.60
CA GLU A 42 -35.50 -0.25 -7.10
C GLU A 42 -34.82 1.04 -7.58
N ALA A 43 -33.49 1.06 -7.64
CA ALA A 43 -32.80 2.20 -8.22
C ALA A 43 -33.24 2.40 -9.68
N PHE A 44 -33.43 1.31 -10.42
CA PHE A 44 -33.85 1.43 -11.81
C PHE A 44 -35.32 1.83 -11.96
N ALA A 45 -36.19 1.40 -11.04
CA ALA A 45 -37.56 1.90 -11.05
C ALA A 45 -37.58 3.43 -10.97
N GLY A 46 -36.65 4.02 -10.22
CA GLY A 46 -36.57 5.47 -10.09
C GLY A 46 -36.16 6.21 -11.36
N ILE A 47 -35.63 5.51 -12.35
CA ILE A 47 -35.30 6.13 -13.63
C ILE A 47 -36.01 5.42 -14.78
N ARG A 48 -37.02 4.61 -14.47
CA ARG A 48 -37.59 3.72 -15.46
C ARG A 48 -38.21 4.50 -16.61
N SER A 49 -38.23 3.87 -17.79
CA SER A 49 -38.99 4.31 -18.94
C SER A 49 -40.09 3.30 -19.23
N SER A 50 -41.24 3.83 -19.69
CA SER A 50 -42.47 3.03 -19.78
C SER A 50 -42.30 1.75 -20.60
N HIS A 51 -41.45 1.77 -21.63
CA HIS A 51 -41.37 0.66 -22.58
C HIS A 51 -40.20 -0.29 -22.30
N ILE A 52 -39.57 -0.20 -21.13
CA ILE A 52 -38.33 -0.93 -20.84
C ILE A 52 -38.55 -1.85 -19.66
N LYS A 53 -38.21 -3.14 -19.84
CA LYS A 53 -38.23 -4.11 -18.75
C LYS A 53 -36.85 -4.11 -18.10
N TYR A 54 -36.81 -4.04 -16.77
CA TYR A 54 -35.55 -4.07 -16.02
C TYR A 54 -35.44 -5.36 -15.20
N ILE A 55 -34.34 -6.10 -15.41
CA ILE A 55 -34.16 -7.43 -14.85
C ILE A 55 -32.86 -7.45 -14.05
N CYS A 56 -32.96 -7.74 -12.75
CA CYS A 56 -31.82 -7.77 -11.85
C CYS A 56 -31.79 -9.15 -11.20
N PRO A 57 -31.12 -10.10 -11.82
CA PRO A 57 -30.98 -11.43 -11.22
C PRO A 57 -30.13 -11.36 -9.97
N HIS A 58 -30.18 -12.46 -9.22
CA HIS A 58 -29.46 -12.58 -7.96
C HIS A 58 -28.37 -13.64 -8.10
N ALA A 59 -27.12 -13.28 -7.78
CA ALA A 59 -26.07 -14.26 -7.79
C ALA A 59 -26.27 -15.25 -6.64
N PRO A 60 -25.79 -16.48 -6.77
CA PRO A 60 -25.97 -17.46 -5.70
C PRO A 60 -24.96 -17.24 -4.59
N VAL A 61 -25.38 -17.61 -3.38
CA VAL A 61 -24.48 -17.61 -2.23
C VAL A 61 -23.35 -18.61 -2.47
N ARG A 62 -22.13 -18.19 -2.15
CA ARG A 62 -20.96 -19.04 -2.38
C ARG A 62 -19.83 -18.54 -1.48
N PRO A 63 -18.85 -19.40 -1.17
CA PRO A 63 -17.65 -18.94 -0.45
C PRO A 63 -16.85 -17.94 -1.28
N VAL A 64 -16.37 -16.91 -0.62
CA VAL A 64 -15.62 -15.84 -1.28
C VAL A 64 -14.22 -15.84 -0.70
N THR A 65 -13.26 -16.32 -1.48
CA THR A 65 -11.88 -16.48 -1.00
C THR A 65 -11.33 -15.21 -0.36
N LEU A 66 -11.68 -14.04 -0.91
CA LEU A 66 -11.10 -12.77 -0.49
C LEU A 66 -11.28 -12.52 1.00
N ASN A 67 -12.44 -12.85 1.57
CA ASN A 67 -12.78 -12.45 2.93
C ASN A 67 -13.04 -13.72 3.74
N MET A 68 -11.97 -14.40 4.14
CA MET A 68 -12.04 -15.55 5.06
C MET A 68 -13.04 -16.60 4.56
N ASN A 69 -13.18 -16.70 3.23
CA ASN A 69 -14.03 -17.69 2.59
C ASN A 69 -15.50 -17.49 2.93
N VAL A 70 -15.90 -16.29 3.31
CA VAL A 70 -17.25 -16.10 3.82
C VAL A 70 -18.26 -16.34 2.71
N ALA A 71 -19.37 -17.01 3.05
CA ALA A 71 -20.39 -17.33 2.06
C ALA A 71 -21.31 -16.14 1.88
N MET A 72 -21.38 -15.65 0.65
CA MET A 72 -22.24 -14.51 0.34
C MET A 72 -22.50 -14.52 -1.16
N PRO A 73 -23.51 -13.80 -1.63
CA PRO A 73 -23.76 -13.80 -3.08
C PRO A 73 -22.55 -13.25 -3.81
N SER A 74 -22.20 -13.91 -4.91
CA SER A 74 -21.09 -13.46 -5.76
C SER A 74 -21.22 -14.19 -7.09
N TRP A 75 -21.01 -13.47 -8.20
CA TRP A 75 -21.17 -14.12 -9.51
C TRP A 75 -20.05 -15.13 -9.76
N PHE A 76 -18.90 -14.91 -9.14
CA PHE A 76 -17.74 -15.77 -9.24
C PHE A 76 -16.89 -15.48 -8.02
N ASP A 77 -15.89 -16.31 -7.80
CA ASP A 77 -15.06 -16.15 -6.62
C ASP A 77 -14.13 -14.94 -6.78
N ILE A 78 -13.95 -14.17 -5.71
CA ILE A 78 -13.02 -13.05 -5.68
C ILE A 78 -11.86 -13.45 -4.79
N ILE A 79 -10.65 -13.41 -5.34
CA ILE A 79 -9.44 -13.87 -4.66
C ILE A 79 -8.65 -12.70 -4.07
N GLY A 80 -8.38 -11.67 -4.86
CA GLY A 80 -7.60 -10.54 -4.40
C GLY A 80 -8.15 -9.24 -4.95
N LEU A 81 -7.51 -8.14 -4.52
CA LEU A 81 -7.83 -6.80 -5.00
C LEU A 81 -6.79 -6.26 -5.97
N SER A 82 -5.89 -7.09 -6.48
CA SER A 82 -4.79 -6.57 -7.28
C SER A 82 -4.85 -7.09 -8.71
N PRO A 83 -4.38 -6.31 -9.67
CA PRO A 83 -4.23 -6.82 -11.04
C PRO A 83 -3.39 -8.06 -11.10
N ASP A 84 -2.49 -8.24 -10.14
CA ASP A 84 -1.67 -9.43 -10.06
C ASP A 84 -2.37 -10.57 -9.33
N SER A 85 -3.58 -10.33 -8.80
CA SER A 85 -4.35 -11.39 -8.15
C SER A 85 -4.76 -12.43 -9.18
N GLN A 86 -4.78 -13.68 -8.75
CA GLN A 86 -5.35 -14.74 -9.58
C GLN A 86 -6.85 -14.50 -9.75
N GLU A 87 -7.36 -14.80 -10.94
CA GLU A 87 -8.77 -14.62 -11.23
C GLU A 87 -9.44 -15.98 -11.43
N ASP A 88 -10.74 -16.02 -11.09
CA ASP A 88 -11.54 -17.24 -11.16
C ASP A 88 -12.00 -17.44 -12.60
N GLU A 89 -11.10 -17.98 -13.43
CA GLU A 89 -11.39 -18.10 -14.85
C GLU A 89 -12.58 -19.02 -15.11
N SER A 90 -12.54 -20.25 -14.59
CA SER A 90 -13.68 -21.14 -14.80
C SER A 90 -14.97 -20.50 -14.30
N GLY A 91 -14.92 -19.81 -13.15
CA GLY A 91 -16.11 -19.19 -12.60
C GLY A 91 -16.66 -18.07 -13.48
N ILE A 92 -15.79 -17.17 -13.93
CA ILE A 92 -16.24 -16.05 -14.75
C ILE A 92 -16.90 -16.56 -16.02
N LYS A 93 -16.22 -17.49 -16.71
CA LYS A 93 -16.77 -18.02 -17.96
C LYS A 93 -18.10 -18.73 -17.74
N GLN A 94 -18.21 -19.53 -16.68
CA GLN A 94 -19.50 -20.19 -16.40
C GLN A 94 -20.59 -19.16 -16.11
N ALA A 95 -20.28 -18.18 -15.26
CA ALA A 95 -21.23 -17.08 -15.04
C ALA A 95 -21.57 -16.38 -16.35
N ALA A 96 -20.58 -16.21 -17.24
CA ALA A 96 -20.85 -15.56 -18.53
C ALA A 96 -21.82 -16.40 -19.36
N GLU A 97 -21.62 -17.72 -19.40
CA GLU A 97 -22.57 -18.59 -20.10
C GLU A 97 -23.97 -18.47 -19.52
N ASN A 98 -24.07 -18.36 -18.19
CA ASN A 98 -25.39 -18.20 -17.58
C ASN A 98 -26.04 -16.87 -17.97
N ILE A 99 -25.24 -15.80 -18.14
CA ILE A 99 -25.83 -14.52 -18.53
C ILE A 99 -26.41 -14.61 -19.93
N LYS A 100 -25.65 -15.21 -20.86
CA LYS A 100 -26.11 -15.35 -22.24
C LYS A 100 -27.39 -16.18 -22.33
N ALA A 101 -27.54 -17.17 -21.45
CA ALA A 101 -28.78 -17.92 -21.39
C ALA A 101 -29.92 -17.03 -20.90
N LEU A 102 -29.62 -16.09 -19.99
CA LEU A 102 -30.66 -15.15 -19.58
C LEU A 102 -31.04 -14.21 -20.71
N ILE A 103 -30.07 -13.79 -21.53
CA ILE A 103 -30.38 -12.96 -22.69
C ILE A 103 -31.23 -13.74 -23.69
N ASP A 104 -30.72 -14.91 -24.11
CA ASP A 104 -31.45 -15.78 -25.03
C ASP A 104 -32.89 -16.00 -24.60
N GLN A 105 -33.12 -16.16 -23.29
CA GLN A 105 -34.48 -16.35 -22.80
C GLN A 105 -35.32 -15.09 -23.02
N GLU A 106 -34.71 -13.91 -22.92
CA GLU A 106 -35.46 -12.69 -23.19
C GLU A 106 -35.78 -12.57 -24.67
N VAL A 107 -34.86 -12.97 -25.55
CA VAL A 107 -35.16 -12.97 -26.98
C VAL A 107 -36.37 -13.86 -27.26
N LYS A 108 -36.35 -15.09 -26.74
CA LYS A 108 -37.53 -15.95 -26.87
C LYS A 108 -38.78 -15.28 -26.31
N ASN A 109 -38.64 -14.62 -25.15
CA ASN A 109 -39.78 -13.91 -24.56
C ASN A 109 -40.36 -12.88 -25.53
N GLY A 110 -39.53 -12.29 -26.39
CA GLY A 110 -40.03 -11.36 -27.39
C GLY A 110 -39.21 -10.12 -27.67
N ILE A 111 -38.14 -9.88 -26.90
CA ILE A 111 -37.34 -8.66 -27.03
C ILE A 111 -36.01 -9.04 -27.68
N PRO A 112 -35.72 -8.55 -28.89
CA PRO A 112 -34.48 -8.94 -29.57
C PRO A 112 -33.26 -8.50 -28.78
N SER A 113 -32.15 -9.20 -29.03
CA SER A 113 -30.94 -8.90 -28.27
C SER A 113 -30.44 -7.49 -28.55
N ASN A 114 -30.66 -6.97 -29.76
CA ASN A 114 -30.21 -5.61 -30.03
C ASN A 114 -31.10 -4.56 -29.38
N ARG A 115 -32.12 -4.98 -28.63
CA ARG A 115 -32.92 -4.08 -27.81
C ARG A 115 -32.68 -4.33 -26.32
N ILE A 116 -31.50 -4.83 -25.97
CA ILE A 116 -31.18 -5.21 -24.59
C ILE A 116 -29.85 -4.59 -24.21
N ILE A 117 -29.83 -3.92 -23.06
CA ILE A 117 -28.60 -3.38 -22.48
C ILE A 117 -28.20 -4.27 -21.33
N LEU A 118 -26.96 -4.73 -21.33
CA LEU A 118 -26.39 -5.50 -20.24
C LEU A 118 -25.48 -4.59 -19.42
N GLY A 119 -25.62 -4.64 -18.08
CA GLY A 119 -24.82 -3.81 -17.21
C GLY A 119 -24.59 -4.48 -15.86
N GLY A 120 -23.86 -3.80 -14.99
CA GLY A 120 -23.67 -4.29 -13.64
C GLY A 120 -22.86 -3.34 -12.80
N PHE A 121 -22.75 -3.67 -11.51
CA PHE A 121 -21.95 -2.92 -10.55
C PHE A 121 -20.81 -3.80 -10.05
N SER A 122 -19.60 -3.24 -10.07
CA SER A 122 -18.42 -3.93 -9.58
C SER A 122 -18.28 -5.28 -10.27
N GLN A 123 -18.25 -6.38 -9.51
CA GLN A 123 -18.08 -7.69 -10.14
C GLN A 123 -19.18 -7.96 -11.17
N GLY A 124 -20.37 -7.40 -10.96
CA GLY A 124 -21.41 -7.58 -11.95
C GLY A 124 -21.14 -6.76 -13.20
N GLY A 125 -20.52 -5.60 -13.03
CA GLY A 125 -20.10 -4.84 -14.19
C GLY A 125 -18.95 -5.50 -14.90
N ALA A 126 -18.01 -6.08 -14.14
CA ALA A 126 -16.94 -6.87 -14.74
C ALA A 126 -17.52 -8.01 -15.55
N LEU A 127 -18.47 -8.74 -14.98
CA LEU A 127 -19.11 -9.82 -15.70
C LEU A 127 -19.85 -9.32 -16.93
N SER A 128 -20.50 -8.16 -16.83
CA SER A 128 -21.28 -7.67 -17.98
C SER A 128 -20.37 -7.29 -19.14
N LEU A 129 -19.26 -6.62 -18.86
CA LEU A 129 -18.29 -6.31 -19.90
C LEU A 129 -17.78 -7.58 -20.56
N TYR A 130 -17.29 -8.54 -19.76
CA TYR A 130 -16.76 -9.78 -20.31
C TYR A 130 -17.82 -10.49 -21.15
N THR A 131 -19.05 -10.60 -20.61
CA THR A 131 -20.14 -11.22 -21.35
C THR A 131 -20.37 -10.50 -22.67
N ALA A 132 -20.56 -9.18 -22.63
CA ALA A 132 -20.84 -8.43 -23.85
C ALA A 132 -19.75 -8.61 -24.90
N LEU A 133 -18.50 -8.71 -24.45
CA LEU A 133 -17.40 -8.81 -25.40
C LEU A 133 -17.15 -10.22 -25.89
N THR A 134 -17.79 -11.23 -25.31
CA THR A 134 -17.58 -12.59 -25.79
C THR A 134 -18.82 -13.22 -26.42
N THR A 135 -19.98 -12.61 -26.31
CA THR A 135 -21.18 -13.18 -26.91
C THR A 135 -21.30 -12.79 -28.38
N GLN A 136 -21.80 -13.72 -29.18
CA GLN A 136 -22.27 -13.35 -30.50
C GLN A 136 -23.68 -12.77 -30.48
N GLN A 137 -24.30 -12.66 -29.30
CA GLN A 137 -25.57 -11.97 -29.12
C GLN A 137 -25.34 -10.47 -29.23
N LYS A 138 -25.72 -9.87 -30.35
CA LYS A 138 -25.60 -8.43 -30.51
C LYS A 138 -26.49 -7.69 -29.52
N LEU A 139 -25.87 -6.87 -28.68
CA LEU A 139 -26.53 -6.12 -27.62
C LEU A 139 -26.63 -4.66 -27.99
N ALA A 140 -27.55 -3.96 -27.32
CA ALA A 140 -27.76 -2.54 -27.54
C ALA A 140 -26.73 -1.67 -26.80
N GLY A 141 -26.15 -2.16 -25.72
CA GLY A 141 -25.15 -1.40 -24.99
C GLY A 141 -24.88 -2.00 -23.63
N VAL A 142 -23.88 -1.41 -22.96
CA VAL A 142 -23.41 -1.87 -21.66
C VAL A 142 -23.29 -0.66 -20.74
N THR A 143 -23.75 -0.82 -19.49
CA THR A 143 -23.52 0.15 -18.42
C THR A 143 -22.66 -0.54 -17.36
N ALA A 144 -21.40 -0.13 -17.27
CA ALA A 144 -20.44 -0.72 -16.34
C ALA A 144 -20.15 0.27 -15.22
N LEU A 145 -20.62 -0.03 -14.01
CA LEU A 145 -20.47 0.88 -12.88
C LEU A 145 -19.40 0.35 -11.92
N SER A 146 -18.48 1.24 -11.55
CA SER A 146 -17.36 0.94 -10.65
C SER A 146 -16.85 -0.48 -10.82
N CYS A 147 -16.29 -0.79 -11.97
CA CYS A 147 -15.89 -2.18 -12.20
C CYS A 147 -14.61 -2.20 -13.06
N TRP A 148 -14.25 -3.38 -13.54
CA TRP A 148 -13.01 -3.56 -14.27
C TRP A 148 -13.24 -4.65 -15.31
N LEU A 149 -12.28 -4.79 -16.23
CA LEU A 149 -12.33 -5.84 -17.23
C LEU A 149 -11.67 -7.12 -16.71
N PRO A 150 -12.39 -8.21 -16.51
CA PRO A 150 -11.77 -9.43 -15.97
C PRO A 150 -11.17 -10.29 -17.09
N LEU A 151 -10.28 -11.20 -16.69
CA LEU A 151 -9.51 -11.98 -17.65
C LEU A 151 -8.99 -11.11 -18.79
N ARG A 152 -8.46 -9.93 -18.47
CA ARG A 152 -8.02 -9.00 -19.52
C ARG A 152 -6.92 -9.61 -20.39
N ALA A 153 -6.09 -10.50 -19.82
CA ALA A 153 -4.98 -11.05 -20.61
C ALA A 153 -5.44 -12.00 -21.69
N SER A 154 -6.68 -12.48 -21.62
CA SER A 154 -7.21 -13.41 -22.62
C SER A 154 -7.67 -12.73 -23.89
N PHE A 155 -7.67 -11.39 -23.95
CA PHE A 155 -8.17 -10.67 -25.12
C PHE A 155 -7.03 -10.33 -26.06
N PRO A 156 -7.00 -10.89 -27.28
CA PRO A 156 -5.95 -10.54 -28.23
C PRO A 156 -5.98 -9.05 -28.55
N GLN A 157 -4.91 -8.60 -29.21
CA GLN A 157 -4.84 -7.20 -29.63
C GLN A 157 -5.97 -6.88 -30.59
N GLY A 158 -6.26 -5.58 -30.70
CA GLY A 158 -7.05 -5.07 -31.79
C GLY A 158 -8.52 -5.15 -31.43
N PRO A 159 -9.36 -4.54 -32.26
CA PRO A 159 -10.81 -4.68 -32.06
C PRO A 159 -11.21 -6.14 -32.10
N ILE A 160 -12.16 -6.50 -31.24
CA ILE A 160 -12.66 -7.87 -31.21
C ILE A 160 -13.33 -8.26 -32.54
N GLY A 161 -13.76 -7.29 -33.33
CA GLY A 161 -14.68 -7.65 -34.39
C GLY A 161 -15.92 -8.24 -33.75
N GLY A 162 -16.28 -9.45 -34.12
CA GLY A 162 -17.38 -10.14 -33.45
C GLY A 162 -18.67 -9.36 -33.49
N ALA A 163 -19.70 -9.82 -32.78
CA ALA A 163 -21.02 -9.21 -32.95
C ALA A 163 -21.06 -7.80 -32.36
N ASN A 164 -20.40 -7.58 -31.24
CA ASN A 164 -20.49 -6.31 -30.50
C ASN A 164 -19.27 -5.42 -30.70
N ARG A 165 -18.58 -5.53 -31.84
CA ARG A 165 -17.45 -4.67 -32.11
C ARG A 165 -17.80 -3.19 -32.07
N ASP A 166 -19.08 -2.84 -32.19
CA ASP A 166 -19.52 -1.46 -32.26
C ASP A 166 -20.40 -1.08 -31.08
N ILE A 167 -20.50 -1.95 -30.07
CA ILE A 167 -21.41 -1.69 -28.96
C ILE A 167 -21.05 -0.38 -28.28
N SER A 168 -22.07 0.28 -27.74
CA SER A 168 -21.90 1.50 -26.95
C SER A 168 -21.73 1.13 -25.50
N ILE A 169 -20.76 1.75 -24.84
CA ILE A 169 -20.46 1.44 -23.45
C ILE A 169 -20.42 2.74 -22.66
N LEU A 170 -21.13 2.75 -21.54
CA LEU A 170 -21.03 3.79 -20.53
C LEU A 170 -20.37 3.17 -19.29
N GLN A 171 -19.19 3.66 -18.94
CA GLN A 171 -18.48 3.19 -17.75
C GLN A 171 -18.40 4.31 -16.73
N CYS A 172 -18.84 4.05 -15.51
CA CYS A 172 -18.87 5.06 -14.47
C CYS A 172 -17.98 4.66 -13.29
N HIS A 173 -17.40 5.64 -12.59
CA HIS A 173 -16.53 5.26 -11.46
C HIS A 173 -16.32 6.44 -10.49
N GLY A 174 -16.50 6.18 -9.19
CA GLY A 174 -16.28 7.20 -8.17
C GLY A 174 -14.78 7.42 -8.00
N ASP A 175 -14.39 8.66 -7.73
CA ASP A 175 -12.97 8.92 -7.64
C ASP A 175 -12.38 8.62 -6.26
N CYS A 176 -13.21 8.28 -5.27
CA CYS A 176 -12.73 7.84 -3.95
C CYS A 176 -13.15 6.40 -3.63
N ASP A 177 -13.25 5.56 -4.64
CA ASP A 177 -13.59 4.16 -4.42
C ASP A 177 -12.40 3.44 -3.79
N PRO A 178 -12.53 2.84 -2.60
CA PRO A 178 -11.41 2.11 -2.01
C PRO A 178 -11.35 0.62 -2.34
N LEU A 179 -12.38 0.06 -2.96
CA LEU A 179 -12.41 -1.36 -3.29
C LEU A 179 -11.98 -1.64 -4.72
N VAL A 180 -12.47 -0.83 -5.65
CA VAL A 180 -12.04 -0.84 -7.04
C VAL A 180 -11.48 0.54 -7.29
N PRO A 181 -10.17 0.76 -7.11
CA PRO A 181 -9.62 2.11 -7.26
C PRO A 181 -10.01 2.67 -8.61
N LEU A 182 -10.20 3.98 -8.66
CA LEU A 182 -10.59 4.63 -9.90
C LEU A 182 -9.65 4.27 -11.05
N MET A 183 -8.36 4.09 -10.76
CA MET A 183 -7.42 3.81 -11.83
C MET A 183 -7.72 2.47 -12.52
N PHE A 184 -8.34 1.53 -11.79
CA PHE A 184 -8.75 0.28 -12.42
C PHE A 184 -9.85 0.52 -13.46
N GLY A 185 -10.83 1.38 -13.14
CA GLY A 185 -11.85 1.70 -14.11
C GLY A 185 -11.27 2.46 -15.28
N SER A 186 -10.33 3.36 -15.01
CA SER A 186 -9.72 4.16 -16.05
C SER A 186 -8.93 3.29 -17.01
N LEU A 187 -8.07 2.42 -16.48
CA LEU A 187 -7.33 1.52 -17.35
C LEU A 187 -8.27 0.61 -18.10
N THR A 188 -9.45 0.32 -17.50
CA THR A 188 -10.41 -0.56 -18.16
C THR A 188 -11.03 0.11 -19.37
N VAL A 189 -11.51 1.35 -19.22
CA VAL A 189 -12.13 2.05 -20.35
C VAL A 189 -11.13 2.22 -21.48
N GLU A 190 -9.88 2.58 -21.17
CA GLU A 190 -8.86 2.75 -22.20
C GLU A 190 -8.61 1.43 -22.95
N LYS A 191 -8.66 0.29 -22.23
CA LYS A 191 -8.53 -1.00 -22.92
C LYS A 191 -9.79 -1.31 -23.72
N LEU A 192 -10.96 -0.99 -23.18
CA LEU A 192 -12.19 -1.17 -23.94
C LEU A 192 -12.15 -0.42 -25.24
N LYS A 193 -11.50 0.74 -25.26
CA LYS A 193 -11.39 1.58 -26.45
C LYS A 193 -10.47 1.01 -27.50
N THR A 194 -9.64 0.02 -27.16
CA THR A 194 -8.90 -0.74 -28.15
C THR A 194 -9.62 -2.01 -28.58
N LEU A 195 -10.65 -2.43 -27.85
CA LEU A 195 -11.36 -3.69 -28.11
C LEU A 195 -12.58 -3.48 -28.98
N VAL A 196 -13.29 -2.37 -28.78
CA VAL A 196 -14.45 -2.02 -29.60
C VAL A 196 -14.19 -0.63 -30.17
N ASN A 197 -15.10 -0.14 -31.00
CA ASN A 197 -15.00 1.19 -31.60
C ASN A 197 -14.96 2.26 -30.52
N PRO A 198 -13.84 2.98 -30.37
CA PRO A 198 -13.75 3.94 -29.25
C PRO A 198 -14.75 5.08 -29.31
N ALA A 199 -15.39 5.34 -30.45
CA ALA A 199 -16.30 6.47 -30.54
C ALA A 199 -17.55 6.26 -29.70
N ASN A 200 -17.85 5.01 -29.33
CA ASN A 200 -19.09 4.68 -28.64
C ASN A 200 -18.90 4.35 -27.16
N VAL A 201 -17.74 4.70 -26.59
CA VAL A 201 -17.42 4.40 -25.19
C VAL A 201 -17.30 5.71 -24.42
N THR A 202 -18.05 5.82 -23.33
CA THR A 202 -18.08 7.04 -22.53
C THR A 202 -17.63 6.72 -21.12
N PHE A 203 -16.68 7.51 -20.63
CA PHE A 203 -16.20 7.39 -19.25
C PHE A 203 -16.70 8.59 -18.46
N LYS A 204 -17.39 8.31 -17.35
CA LYS A 204 -17.80 9.34 -16.40
C LYS A 204 -17.31 9.00 -15.01
N THR A 205 -16.88 10.02 -14.27
CA THR A 205 -16.42 9.86 -12.90
C THR A 205 -17.23 10.79 -12.00
N TYR A 206 -17.23 10.46 -10.71
CA TYR A 206 -18.08 11.14 -9.74
C TYR A 206 -17.27 11.54 -8.51
N GLU A 207 -17.18 12.85 -8.29
CA GLU A 207 -16.33 13.39 -7.23
C GLU A 207 -16.89 13.04 -5.85
N GLY A 208 -16.03 12.48 -5.00
CA GLY A 208 -16.41 12.11 -3.66
C GLY A 208 -17.01 10.74 -3.54
N MET A 209 -17.47 10.14 -4.64
CA MET A 209 -18.18 8.87 -4.56
C MET A 209 -17.21 7.72 -4.30
N MET A 210 -17.62 6.81 -3.42
CA MET A 210 -16.80 5.67 -3.09
C MET A 210 -17.36 4.44 -3.79
N HIS A 211 -17.28 3.26 -3.17
CA HIS A 211 -17.85 2.06 -3.78
C HIS A 211 -19.36 2.08 -3.52
N SER A 212 -20.06 2.88 -4.30
CA SER A 212 -21.49 3.13 -4.12
C SER A 212 -22.04 3.68 -5.43
N SER A 213 -23.25 4.23 -5.38
CA SER A 213 -23.87 4.92 -6.51
C SER A 213 -24.19 6.35 -6.10
N CYS A 214 -24.55 7.20 -7.06
CA CYS A 214 -25.06 8.51 -6.66
C CYS A 214 -26.03 8.98 -7.76
N GLN A 215 -26.80 10.02 -7.42
CA GLN A 215 -27.96 10.41 -8.21
C GLN A 215 -27.55 10.94 -9.58
N GLN A 216 -26.45 11.68 -9.67
CA GLN A 216 -25.99 12.14 -10.97
C GLN A 216 -25.64 10.94 -11.85
N GLU A 217 -25.00 9.93 -11.26
CA GLU A 217 -24.65 8.74 -12.03
C GLU A 217 -25.90 8.06 -12.57
N MET A 218 -26.94 7.94 -11.72
CA MET A 218 -28.18 7.34 -12.18
C MET A 218 -28.84 8.20 -13.25
N MET A 219 -28.64 9.52 -13.21
CA MET A 219 -29.19 10.37 -14.27
C MET A 219 -28.43 10.16 -15.57
N ASP A 220 -27.12 9.86 -15.50
CA ASP A 220 -26.36 9.59 -16.71
C ASP A 220 -26.69 8.22 -17.29
N VAL A 221 -26.96 7.25 -16.41
CA VAL A 221 -27.39 5.94 -16.89
C VAL A 221 -28.75 6.04 -17.58
N LYS A 222 -29.70 6.78 -16.98
CA LYS A 222 -31.00 6.96 -17.62
C LYS A 222 -30.85 7.55 -19.00
N GLN A 223 -30.12 8.66 -19.11
CA GLN A 223 -29.87 9.29 -20.41
C GLN A 223 -29.22 8.31 -21.38
N PHE A 224 -28.21 7.57 -20.93
CA PHE A 224 -27.58 6.58 -21.79
C PHE A 224 -28.59 5.54 -22.26
N ILE A 225 -29.36 4.98 -21.33
CA ILE A 225 -30.32 3.94 -21.73
C ILE A 225 -31.35 4.51 -22.70
N ASP A 226 -31.88 5.71 -22.42
CA ASP A 226 -32.96 6.22 -23.24
C ASP A 226 -32.46 6.61 -24.62
N LYS A 227 -31.20 7.00 -24.74
CA LYS A 227 -30.65 7.35 -26.05
C LYS A 227 -30.50 6.12 -26.93
N LEU A 228 -30.04 5.00 -26.35
CA LEU A 228 -29.82 3.78 -27.12
C LEU A 228 -31.03 2.87 -27.21
N LEU A 229 -31.99 3.02 -26.30
CA LEU A 229 -33.21 2.22 -26.31
C LEU A 229 -34.42 3.15 -26.37
N PRO A 230 -34.52 3.98 -27.42
CA PRO A 230 -35.62 4.92 -27.53
C PRO A 230 -36.94 4.22 -27.82
N PRO A 231 -38.06 4.88 -27.56
CA PRO A 231 -39.36 4.31 -27.94
C PRO A 231 -39.42 3.91 -29.41
N ILE A 232 -40.32 2.96 -29.68
CA ILE A 232 -40.70 2.59 -31.04
C ILE A 232 -42.17 2.88 -31.34
N ASP A 233 -42.99 3.10 -30.32
CA ASP A 233 -44.39 3.48 -30.53
C ASP A 233 -44.52 4.99 -30.74
N THR B 11 28.60 17.17 -18.35
CA THR B 11 28.13 15.78 -18.32
C THR B 11 29.21 14.83 -18.80
N PRO B 12 29.67 13.95 -17.92
CA PRO B 12 30.77 13.05 -18.27
C PRO B 12 30.34 12.01 -19.27
N LEU B 13 31.32 11.37 -19.87
CA LEU B 13 30.97 10.40 -20.90
C LEU B 13 30.48 9.09 -20.26
N PRO B 14 29.59 8.39 -20.93
CA PRO B 14 28.91 7.26 -20.29
C PRO B 14 29.86 6.10 -20.00
N ALA B 15 29.40 5.21 -19.10
CA ALA B 15 30.04 3.91 -18.95
C ALA B 15 29.68 3.05 -20.16
N ILE B 16 30.68 2.61 -20.91
CA ILE B 16 30.44 1.97 -22.20
C ILE B 16 31.08 0.59 -22.20
N VAL B 17 30.34 -0.41 -22.67
CA VAL B 17 30.85 -1.74 -22.93
C VAL B 17 30.92 -1.89 -24.44
N PRO B 18 32.11 -1.85 -25.03
CA PRO B 18 32.20 -1.84 -26.50
C PRO B 18 31.93 -3.22 -27.09
N ALA B 19 31.70 -3.23 -28.39
CA ALA B 19 31.55 -4.47 -29.13
C ALA B 19 32.94 -5.00 -29.48
N ALA B 20 33.17 -6.28 -29.20
CA ALA B 20 34.47 -6.88 -29.49
C ALA B 20 34.89 -6.59 -30.92
N ARG B 21 33.97 -6.76 -31.87
CA ARG B 21 34.24 -6.51 -33.28
C ARG B 21 33.46 -5.25 -33.70
N LYS B 22 32.72 -5.28 -34.80
CA LYS B 22 31.97 -4.10 -35.22
C LYS B 22 30.63 -4.05 -34.49
N ALA B 23 30.23 -2.84 -34.14
CA ALA B 23 28.93 -2.57 -33.52
C ALA B 23 27.89 -2.41 -34.62
N THR B 24 26.89 -3.29 -34.63
CA THR B 24 25.73 -3.15 -35.49
C THR B 24 24.45 -2.92 -34.71
N ALA B 25 24.50 -2.96 -33.38
CA ALA B 25 23.39 -2.62 -32.51
C ALA B 25 23.94 -2.06 -31.21
N ALA B 26 23.09 -1.36 -30.47
CA ALA B 26 23.49 -0.82 -29.17
C ALA B 26 22.33 -0.92 -28.19
N VAL B 27 22.69 -0.97 -26.90
CA VAL B 27 21.76 -0.90 -25.79
C VAL B 27 22.16 0.32 -24.95
N ILE B 28 21.22 1.24 -24.76
CA ILE B 28 21.40 2.41 -23.90
C ILE B 28 20.59 2.17 -22.63
N PHE B 29 21.26 2.14 -21.47
CA PHE B 29 20.57 1.82 -20.22
C PHE B 29 20.78 2.94 -19.21
N LEU B 30 19.67 3.37 -18.59
CA LEU B 30 19.65 4.53 -17.70
C LEU B 30 19.44 4.06 -16.26
N HIS B 31 20.37 4.41 -15.39
CA HIS B 31 20.37 3.90 -14.02
C HIS B 31 19.26 4.55 -13.20
N GLY B 32 19.10 4.07 -11.97
CA GLY B 32 18.10 4.58 -11.06
C GLY B 32 18.61 5.73 -10.20
N LEU B 33 17.75 6.14 -9.28
CA LEU B 33 18.06 7.27 -8.42
C LEU B 33 19.40 7.07 -7.71
N GLY B 34 20.20 8.14 -7.69
CA GLY B 34 21.42 8.18 -6.90
C GLY B 34 22.60 7.41 -7.45
N ASP B 35 22.43 6.64 -8.52
CA ASP B 35 23.48 5.78 -9.06
C ASP B 35 24.30 6.52 -10.10
N THR B 36 25.37 5.87 -10.57
CA THR B 36 25.95 6.19 -11.87
C THR B 36 25.72 5.01 -12.83
N GLY B 37 26.20 5.18 -14.06
CA GLY B 37 26.07 4.15 -15.07
C GLY B 37 27.00 2.96 -14.91
N HIS B 38 27.90 3.00 -13.93
CA HIS B 38 28.97 2.01 -13.88
C HIS B 38 28.45 0.64 -13.47
N GLY B 39 27.61 0.58 -12.44
CA GLY B 39 27.13 -0.71 -11.96
C GLY B 39 26.31 -1.46 -13.00
N TRP B 40 25.41 -0.75 -13.69
CA TRP B 40 24.67 -1.36 -14.78
C TRP B 40 25.57 -1.68 -15.98
N ALA B 41 26.53 -0.82 -16.27
CA ALA B 41 27.52 -1.15 -17.29
C ALA B 41 28.16 -2.49 -16.98
N GLU B 42 28.47 -2.74 -15.70
CA GLU B 42 29.15 -3.97 -15.32
C GLU B 42 28.21 -5.16 -15.43
N ALA B 43 26.94 -5.00 -15.04
CA ALA B 43 25.98 -6.08 -15.24
C ALA B 43 25.86 -6.46 -16.72
N PHE B 44 25.66 -5.47 -17.58
CA PHE B 44 25.54 -5.75 -19.01
C PHE B 44 26.82 -6.34 -19.58
N ALA B 45 27.98 -5.93 -19.09
CA ALA B 45 29.22 -6.56 -19.53
C ALA B 45 29.14 -8.07 -19.41
N GLY B 46 28.52 -8.57 -18.33
CA GLY B 46 28.37 -9.98 -18.08
C GLY B 46 27.34 -10.71 -18.91
N ILE B 47 26.59 -10.01 -19.76
CA ILE B 47 25.63 -10.67 -20.64
C ILE B 47 25.87 -10.15 -22.07
N ARG B 48 27.05 -9.57 -22.27
CA ARG B 48 27.33 -8.85 -23.52
C ARG B 48 27.36 -9.81 -24.71
N SER B 49 27.05 -9.26 -25.88
CA SER B 49 27.18 -9.93 -27.15
C SER B 49 28.24 -9.21 -27.99
N SER B 50 28.86 -9.95 -28.91
CA SER B 50 30.03 -9.43 -29.61
C SER B 50 29.71 -8.23 -30.50
N HIS B 51 28.47 -8.11 -30.98
CA HIS B 51 28.15 -7.07 -31.94
C HIS B 51 27.40 -5.89 -31.31
N ILE B 52 27.24 -5.86 -29.99
CA ILE B 52 26.44 -4.85 -29.31
C ILE B 52 27.34 -3.99 -28.43
N LYS B 53 27.11 -2.69 -28.46
CA LYS B 53 27.79 -1.72 -27.60
C LYS B 53 26.82 -1.25 -26.53
N TYR B 54 27.25 -1.33 -25.27
CA TYR B 54 26.39 -1.00 -24.13
C TYR B 54 26.84 0.35 -23.57
N ILE B 55 25.90 1.29 -23.55
CA ILE B 55 26.13 2.67 -23.15
C ILE B 55 25.25 2.96 -21.93
N CYS B 56 25.88 3.28 -20.81
CA CYS B 56 25.17 3.59 -19.58
C CYS B 56 25.53 5.01 -19.16
N PRO B 57 24.68 6.00 -19.44
CA PRO B 57 25.02 7.38 -19.10
C PRO B 57 24.84 7.64 -17.61
N HIS B 58 25.46 8.72 -17.16
CA HIS B 58 25.41 9.14 -15.77
C HIS B 58 24.44 10.31 -15.64
N ALA B 59 23.45 10.16 -14.78
CA ALA B 59 22.59 11.29 -14.51
C ALA B 59 23.38 12.35 -13.74
N PRO B 60 23.15 13.62 -14.00
CA PRO B 60 23.84 14.66 -13.23
C PRO B 60 23.31 14.72 -11.81
N VAL B 61 24.18 15.21 -10.91
CA VAL B 61 23.77 15.41 -9.53
C VAL B 61 22.82 16.59 -9.46
N ARG B 62 21.79 16.46 -8.62
CA ARG B 62 20.79 17.51 -8.50
C ARG B 62 20.00 17.27 -7.23
N PRO B 63 19.45 18.30 -6.62
CA PRO B 63 18.67 18.10 -5.40
C PRO B 63 17.39 17.32 -5.72
N VAL B 64 17.06 16.38 -4.84
CA VAL B 64 15.86 15.57 -5.00
C VAL B 64 14.91 15.95 -3.89
N THR B 65 13.74 16.46 -4.26
CA THR B 65 12.80 16.98 -3.28
C THR B 65 12.30 15.89 -2.34
N LEU B 66 12.17 14.65 -2.84
CA LEU B 66 11.62 13.57 -2.03
C LEU B 66 12.37 13.40 -0.71
N ASN B 67 13.69 13.52 -0.73
CA ASN B 67 14.53 13.30 0.45
C ASN B 67 15.18 14.62 0.85
N MET B 68 14.35 15.52 1.36
CA MET B 68 14.68 16.91 1.71
C MET B 68 15.81 17.52 0.91
N ASN B 69 15.66 17.55 -0.41
CA ASN B 69 16.52 18.31 -1.31
C ASN B 69 17.94 17.77 -1.39
N VAL B 70 18.23 16.62 -0.79
CA VAL B 70 19.60 16.09 -0.83
C VAL B 70 20.07 15.97 -2.27
N ALA B 71 21.32 16.38 -2.51
CA ALA B 71 21.91 16.40 -3.85
C ALA B 71 22.45 15.02 -4.21
N MET B 72 21.94 14.45 -5.29
CA MET B 72 22.40 13.15 -5.76
C MET B 72 22.07 13.02 -7.23
N PRO B 73 22.66 12.04 -7.91
CA PRO B 73 22.30 11.80 -9.31
C PRO B 73 20.82 11.46 -9.45
N SER B 74 20.20 12.03 -10.48
CA SER B 74 18.77 11.91 -10.72
C SER B 74 18.45 12.50 -12.08
N TRP B 75 17.75 11.73 -12.91
CA TRP B 75 17.39 12.20 -14.26
C TRP B 75 16.40 13.35 -14.23
N PHE B 76 15.63 13.48 -13.15
CA PHE B 76 14.66 14.54 -12.95
C PHE B 76 14.35 14.57 -11.46
N ASP B 77 13.52 15.53 -11.04
CA ASP B 77 13.13 15.61 -9.64
C ASP B 77 12.14 14.52 -9.28
N ILE B 78 12.28 13.99 -8.06
CA ILE B 78 11.31 13.08 -7.47
C ILE B 78 10.68 13.77 -6.27
N ILE B 79 9.37 13.82 -6.24
CA ILE B 79 8.63 14.58 -5.25
C ILE B 79 7.96 13.67 -4.22
N GLY B 80 7.21 12.67 -4.69
CA GLY B 80 6.58 11.70 -3.81
C GLY B 80 6.78 10.30 -4.36
N LEU B 81 6.17 9.34 -3.66
CA LEU B 81 6.17 7.94 -4.06
C LEU B 81 4.79 7.44 -4.47
N SER B 82 3.82 8.33 -4.62
CA SER B 82 2.48 7.85 -4.90
C SER B 82 2.10 8.11 -6.36
N PRO B 83 1.15 7.33 -6.88
CA PRO B 83 0.58 7.63 -8.20
C PRO B 83 0.06 9.06 -8.33
N ASP B 84 -0.28 9.66 -7.20
CA ASP B 84 -0.83 11.01 -7.18
C ASP B 84 0.21 12.07 -6.81
N SER B 85 1.44 11.65 -6.51
CA SER B 85 2.50 12.61 -6.27
C SER B 85 2.72 13.44 -7.52
N GLN B 86 2.96 14.73 -7.33
CA GLN B 86 3.32 15.59 -8.46
C GLN B 86 4.54 15.02 -9.18
N GLU B 87 4.59 15.23 -10.49
CA GLU B 87 5.71 14.75 -11.30
C GLU B 87 6.40 15.95 -11.95
N ASP B 88 7.70 15.80 -12.17
CA ASP B 88 8.55 16.87 -12.70
C ASP B 88 8.45 16.91 -14.23
N GLU B 89 7.29 17.39 -14.70
CA GLU B 89 7.02 17.50 -16.14
C GLU B 89 8.21 18.07 -16.92
N SER B 90 8.71 19.23 -16.49
CA SER B 90 9.74 19.93 -17.27
C SER B 90 11.06 19.18 -17.22
N GLY B 91 11.42 18.62 -16.06
CA GLY B 91 12.65 17.85 -16.00
C GLY B 91 12.53 16.54 -16.76
N ILE B 92 11.36 15.90 -16.68
CA ILE B 92 11.17 14.63 -17.39
C ILE B 92 11.30 14.85 -18.89
N LYS B 93 10.63 15.88 -19.41
CA LYS B 93 10.69 16.15 -20.84
C LYS B 93 12.11 16.52 -21.26
N GLN B 94 12.78 17.36 -20.47
CA GLN B 94 14.13 17.77 -20.84
C GLN B 94 15.06 16.57 -20.88
N ALA B 95 14.99 15.73 -19.85
CA ALA B 95 15.84 14.55 -19.85
C ALA B 95 15.49 13.65 -21.04
N ALA B 96 14.22 13.62 -21.43
CA ALA B 96 13.83 12.83 -22.59
C ALA B 96 14.51 13.34 -23.86
N GLU B 97 14.51 14.66 -24.07
CA GLU B 97 15.29 15.25 -25.15
C GLU B 97 16.75 14.80 -25.08
N ASN B 98 17.35 14.90 -23.90
CA ASN B 98 18.76 14.50 -23.76
C ASN B 98 18.96 13.06 -24.22
N ILE B 99 18.05 12.15 -23.84
CA ILE B 99 18.20 10.77 -24.26
C ILE B 99 18.02 10.65 -25.77
N LYS B 100 17.02 11.35 -26.32
CA LYS B 100 16.85 11.37 -27.77
C LYS B 100 18.13 11.81 -28.46
N ALA B 101 18.83 12.80 -27.88
CA ALA B 101 20.10 13.23 -28.46
C ALA B 101 21.14 12.12 -28.41
N LEU B 102 21.21 11.38 -27.30
CA LEU B 102 22.18 10.30 -27.17
C LEU B 102 21.88 9.16 -28.15
N ILE B 103 20.59 8.86 -28.35
CA ILE B 103 20.22 7.90 -29.38
C ILE B 103 20.74 8.37 -30.73
N ASP B 104 20.47 9.63 -31.06
CA ASP B 104 20.80 10.18 -32.37
C ASP B 104 22.30 10.20 -32.61
N GLN B 105 23.08 10.53 -31.58
CA GLN B 105 24.52 10.49 -31.71
C GLN B 105 25.00 9.08 -32.03
N GLU B 106 24.32 8.06 -31.49
CA GLU B 106 24.62 6.70 -31.91
C GLU B 106 24.19 6.46 -33.35
N VAL B 107 23.08 7.08 -33.77
CA VAL B 107 22.58 6.88 -35.12
C VAL B 107 23.47 7.61 -36.13
N LYS B 108 23.70 8.92 -35.90
CA LYS B 108 24.51 9.74 -36.79
C LYS B 108 25.91 9.20 -36.98
N ASN B 109 26.32 8.24 -36.14
CA ASN B 109 27.67 7.71 -36.17
C ASN B 109 27.67 6.21 -36.43
N GLY B 110 26.65 5.71 -37.11
CA GLY B 110 26.71 4.41 -37.76
C GLY B 110 25.74 3.35 -37.28
N ILE B 111 24.91 3.59 -36.27
CA ILE B 111 24.07 2.51 -35.74
C ILE B 111 22.63 2.96 -35.81
N PRO B 112 21.83 2.44 -36.74
CA PRO B 112 20.48 2.98 -36.96
C PRO B 112 19.58 2.73 -35.76
N SER B 113 18.61 3.64 -35.59
CA SER B 113 17.73 3.62 -34.43
C SER B 113 17.12 2.24 -34.22
N ASN B 114 16.63 1.62 -35.30
CA ASN B 114 15.97 0.34 -35.08
C ASN B 114 16.94 -0.81 -34.72
N ARG B 115 18.21 -0.51 -34.45
CA ARG B 115 19.12 -1.49 -33.87
C ARG B 115 19.57 -1.07 -32.47
N ILE B 116 18.74 -0.27 -31.80
CA ILE B 116 19.06 0.30 -30.50
C ILE B 116 17.94 -0.08 -29.54
N ILE B 117 18.30 -0.72 -28.44
CA ILE B 117 17.35 -0.98 -27.35
C ILE B 117 17.58 0.08 -26.30
N LEU B 118 16.50 0.68 -25.82
CA LEU B 118 16.56 1.67 -24.75
C LEU B 118 15.92 1.06 -23.51
N GLY B 119 16.56 1.24 -22.36
CA GLY B 119 15.99 0.72 -21.13
C GLY B 119 16.56 1.46 -19.94
N GLY B 120 16.07 1.10 -18.76
CA GLY B 120 16.57 1.70 -17.53
C GLY B 120 16.00 0.98 -16.33
N PHE B 121 16.44 1.43 -15.16
CA PHE B 121 16.02 0.89 -13.88
C PHE B 121 15.38 2.01 -13.07
N SER B 122 14.19 1.75 -12.55
CA SER B 122 13.49 2.69 -11.66
C SER B 122 13.28 3.97 -12.46
N GLN B 123 13.66 5.15 -11.95
CA GLN B 123 13.41 6.38 -12.68
C GLN B 123 14.02 6.38 -14.08
N GLY B 124 15.18 5.74 -14.27
CA GLY B 124 15.72 5.58 -15.61
C GLY B 124 14.83 4.70 -16.48
N GLY B 125 14.15 3.73 -15.85
CA GLY B 125 13.21 2.91 -16.59
C GLY B 125 11.97 3.68 -17.01
N ALA B 126 11.45 4.52 -16.10
CA ALA B 126 10.33 5.39 -16.47
C ALA B 126 10.73 6.35 -17.58
N LEU B 127 11.95 6.88 -17.52
CA LEU B 127 12.40 7.77 -18.58
C LEU B 127 12.59 7.01 -19.89
N SER B 128 13.04 5.75 -19.83
CA SER B 128 13.15 4.94 -21.03
C SER B 128 11.79 4.75 -21.69
N LEU B 129 10.77 4.42 -20.89
CA LEU B 129 9.42 4.22 -21.44
C LEU B 129 8.89 5.52 -22.02
N TYR B 130 9.00 6.62 -21.28
CA TYR B 130 8.52 7.91 -21.77
C TYR B 130 9.24 8.31 -23.06
N THR B 131 10.57 8.16 -23.08
CA THR B 131 11.33 8.55 -24.25
C THR B 131 10.90 7.74 -25.47
N ALA B 132 10.80 6.41 -25.32
CA ALA B 132 10.49 5.55 -26.45
C ALA B 132 9.11 5.84 -27.03
N LEU B 133 8.17 6.28 -26.20
CA LEU B 133 6.79 6.50 -26.61
C LEU B 133 6.54 7.87 -27.21
N THR B 134 7.47 8.82 -27.04
CA THR B 134 7.33 10.17 -27.58
C THR B 134 8.35 10.50 -28.67
N THR B 135 9.31 9.61 -28.95
CA THR B 135 10.31 9.86 -29.98
C THR B 135 9.84 9.26 -31.30
N GLN B 136 10.23 9.91 -32.38
CA GLN B 136 9.98 9.34 -33.70
C GLN B 136 11.16 8.51 -34.20
N GLN B 137 12.21 8.34 -33.38
CA GLN B 137 13.25 7.34 -33.65
C GLN B 137 12.67 5.94 -33.43
N LYS B 138 12.57 5.14 -34.49
CA LYS B 138 12.03 3.80 -34.35
C LYS B 138 13.07 2.91 -33.69
N LEU B 139 12.77 2.43 -32.48
CA LEU B 139 13.72 1.69 -31.68
C LEU B 139 13.45 0.18 -31.77
N ALA B 140 14.47 -0.59 -31.39
CA ALA B 140 14.34 -2.04 -31.41
C ALA B 140 13.52 -2.57 -30.24
N GLY B 141 13.53 -1.89 -29.10
CA GLY B 141 12.77 -2.37 -27.95
C GLY B 141 13.17 -1.64 -26.68
N VAL B 142 12.46 -1.97 -25.60
CA VAL B 142 12.62 -1.33 -24.30
C VAL B 142 12.70 -2.41 -23.23
N THR B 143 13.72 -2.31 -22.35
CA THR B 143 13.75 -3.10 -21.11
C THR B 143 13.48 -2.15 -19.96
N ALA B 144 12.31 -2.27 -19.33
CA ALA B 144 11.89 -1.37 -18.25
C ALA B 144 11.92 -2.13 -16.95
N LEU B 145 12.91 -1.83 -16.10
CA LEU B 145 13.21 -2.60 -14.90
C LEU B 145 12.70 -1.87 -13.68
N SER B 146 11.84 -2.52 -12.92
CA SER B 146 11.36 -2.02 -11.64
C SER B 146 11.02 -0.54 -11.70
N CYS B 147 10.13 -0.20 -12.62
CA CYS B 147 9.78 1.19 -12.85
C CYS B 147 8.27 1.33 -13.07
N TRP B 148 7.89 2.45 -13.71
CA TRP B 148 6.52 2.91 -13.88
C TRP B 148 6.50 3.85 -15.08
N LEU B 149 5.29 4.22 -15.54
CA LEU B 149 5.17 5.17 -16.65
C LEU B 149 4.98 6.59 -16.13
N PRO B 150 5.91 7.50 -16.33
CA PRO B 150 5.73 8.86 -15.82
C PRO B 150 4.84 9.67 -16.75
N LEU B 151 4.26 10.75 -16.20
CA LEU B 151 3.36 11.64 -16.95
C LEU B 151 2.22 10.88 -17.64
N ARG B 152 1.57 10.00 -16.88
CA ARG B 152 0.56 9.08 -17.42
C ARG B 152 -0.47 9.81 -18.28
N ALA B 153 -1.03 10.88 -17.70
CA ALA B 153 -2.18 11.60 -18.23
C ALA B 153 -1.85 12.44 -19.45
N SER B 154 -0.58 12.56 -19.81
CA SER B 154 -0.21 13.31 -21.00
C SER B 154 -0.36 12.49 -22.28
N PHE B 155 -0.57 11.18 -22.16
CA PHE B 155 -0.74 10.45 -23.41
C PHE B 155 -2.21 10.42 -23.80
N PRO B 156 -2.49 10.55 -25.09
CA PRO B 156 -3.86 10.41 -25.57
C PRO B 156 -4.29 8.95 -25.62
N GLN B 157 -5.56 8.78 -25.94
CA GLN B 157 -6.24 7.48 -25.92
C GLN B 157 -5.60 6.50 -26.92
N GLY B 158 -5.91 5.21 -26.70
CA GLY B 158 -5.72 4.17 -27.70
C GLY B 158 -4.26 4.08 -28.05
N PRO B 159 -3.92 3.25 -29.04
CA PRO B 159 -2.51 3.14 -29.46
C PRO B 159 -1.98 4.48 -29.95
N ILE B 160 -0.70 4.73 -29.65
CA ILE B 160 -0.07 5.96 -30.15
C ILE B 160 0.15 5.87 -31.66
N GLY B 161 0.22 7.05 -32.29
CA GLY B 161 0.57 7.11 -33.69
C GLY B 161 2.06 7.19 -33.98
N GLY B 162 2.88 7.47 -32.97
CA GLY B 162 4.31 7.62 -33.16
C GLY B 162 4.97 6.37 -33.74
N ALA B 163 6.26 6.52 -34.06
CA ALA B 163 6.97 5.46 -34.75
C ALA B 163 7.12 4.19 -33.91
N ASN B 164 6.94 4.26 -32.60
CA ASN B 164 7.11 3.08 -31.76
C ASN B 164 5.79 2.47 -31.34
N ARG B 165 4.73 2.71 -32.11
CA ARG B 165 3.42 2.12 -31.87
C ARG B 165 3.48 0.61 -31.71
N ASP B 166 4.44 -0.07 -32.35
CA ASP B 166 4.53 -1.52 -32.29
C ASP B 166 5.78 -2.02 -31.56
N ILE B 167 6.39 -1.17 -30.72
CA ILE B 167 7.65 -1.54 -30.09
C ILE B 167 7.45 -2.69 -29.13
N SER B 168 8.41 -3.61 -29.08
CA SER B 168 8.45 -4.65 -28.08
C SER B 168 8.97 -4.08 -26.77
N ILE B 169 8.34 -4.46 -25.65
CA ILE B 169 8.73 -3.96 -24.34
C ILE B 169 8.83 -5.14 -23.38
N LEU B 170 9.96 -5.27 -22.69
CA LEU B 170 10.08 -6.18 -21.58
C LEU B 170 10.07 -5.37 -20.30
N GLN B 171 9.06 -5.60 -19.45
CA GLN B 171 8.96 -4.99 -18.14
C GLN B 171 9.20 -6.04 -17.06
N CYS B 172 10.20 -5.79 -16.21
CA CYS B 172 10.58 -6.65 -15.10
C CYS B 172 10.31 -5.95 -13.77
N HIS B 173 9.97 -6.73 -12.73
CA HIS B 173 9.69 -6.15 -11.42
C HIS B 173 9.83 -7.19 -10.32
N GLY B 174 10.39 -6.77 -9.19
CA GLY B 174 10.42 -7.61 -8.01
C GLY B 174 9.14 -7.49 -7.19
N ASP B 175 8.74 -8.60 -6.57
CA ASP B 175 7.51 -8.64 -5.80
C ASP B 175 7.68 -8.12 -4.38
N CYS B 176 8.91 -7.93 -3.91
CA CYS B 176 9.19 -7.35 -2.59
C CYS B 176 9.91 -6.01 -2.72
N ASP B 177 9.47 -5.17 -3.65
CA ASP B 177 10.10 -3.87 -3.86
C ASP B 177 9.43 -2.84 -2.98
N PRO B 178 10.17 -2.16 -2.09
CA PRO B 178 9.53 -1.23 -1.14
C PRO B 178 9.43 0.19 -1.64
N LEU B 179 10.21 0.55 -2.67
CA LEU B 179 10.16 1.90 -3.21
C LEU B 179 9.16 2.02 -4.35
N VAL B 180 9.18 1.08 -5.28
CA VAL B 180 8.22 1.00 -6.37
C VAL B 180 7.46 -0.31 -6.28
N PRO B 181 6.32 -0.36 -5.60
CA PRO B 181 5.62 -1.64 -5.48
C PRO B 181 5.37 -2.26 -6.85
N LEU B 182 5.25 -3.59 -6.87
CA LEU B 182 4.95 -4.30 -8.11
C LEU B 182 3.65 -3.82 -8.74
N MET B 183 2.67 -3.44 -7.90
CA MET B 183 1.41 -2.88 -8.37
C MET B 183 1.61 -1.79 -9.43
N PHE B 184 2.51 -0.84 -9.19
CA PHE B 184 2.71 0.23 -10.16
C PHE B 184 3.34 -0.29 -11.44
N GLY B 185 4.18 -1.34 -11.33
CA GLY B 185 4.69 -1.99 -12.52
C GLY B 185 3.59 -2.68 -13.32
N SER B 186 2.77 -3.50 -12.65
CA SER B 186 1.68 -4.19 -13.33
C SER B 186 0.72 -3.19 -14.00
N LEU B 187 0.39 -2.10 -13.30
CA LEU B 187 -0.51 -1.09 -13.86
C LEU B 187 0.17 -0.32 -15.00
N THR B 188 1.50 -0.23 -14.98
CA THR B 188 2.21 0.35 -16.11
C THR B 188 2.06 -0.53 -17.36
N VAL B 189 2.21 -1.85 -17.19
CA VAL B 189 2.05 -2.78 -18.30
C VAL B 189 0.68 -2.63 -18.94
N GLU B 190 -0.38 -2.47 -18.12
CA GLU B 190 -1.71 -2.31 -18.69
C GLU B 190 -1.78 -1.05 -19.54
N LYS B 191 -1.26 0.06 -19.03
CA LYS B 191 -1.20 1.28 -19.84
C LYS B 191 -0.40 1.04 -21.10
N LEU B 192 0.81 0.47 -20.95
CA LEU B 192 1.63 0.17 -22.11
C LEU B 192 0.88 -0.70 -23.11
N LYS B 193 -0.02 -1.56 -22.62
CA LYS B 193 -0.74 -2.43 -23.54
C LYS B 193 -1.88 -1.74 -24.27
N THR B 194 -2.27 -0.54 -23.88
CA THR B 194 -3.12 0.24 -24.76
C THR B 194 -2.33 1.23 -25.60
N LEU B 195 -1.22 1.74 -25.07
CA LEU B 195 -0.41 2.72 -25.82
C LEU B 195 0.26 2.11 -27.03
N VAL B 196 0.67 0.83 -26.95
CA VAL B 196 1.32 0.14 -28.05
C VAL B 196 0.63 -1.20 -28.25
N ASN B 197 1.06 -1.94 -29.26
CA ASN B 197 0.47 -3.24 -29.55
C ASN B 197 0.70 -4.16 -28.34
N PRO B 198 -0.35 -4.64 -27.67
CA PRO B 198 -0.14 -5.48 -26.47
C PRO B 198 0.53 -6.81 -26.76
N ALA B 199 0.50 -7.30 -28.00
CA ALA B 199 1.14 -8.56 -28.29
C ALA B 199 2.66 -8.51 -28.09
N ASN B 200 3.25 -7.31 -28.03
CA ASN B 200 4.70 -7.18 -27.89
C ASN B 200 5.13 -6.68 -26.51
N VAL B 201 4.22 -6.64 -25.54
CA VAL B 201 4.52 -6.20 -24.18
C VAL B 201 4.50 -7.42 -23.28
N THR B 202 5.60 -7.64 -22.53
CA THR B 202 5.77 -8.79 -21.64
C THR B 202 6.13 -8.32 -20.23
N PHE B 203 5.52 -8.95 -19.22
CA PHE B 203 5.72 -8.60 -17.82
C PHE B 203 6.31 -9.80 -17.08
N LYS B 204 7.50 -9.64 -16.49
CA LYS B 204 8.16 -10.69 -15.71
C LYS B 204 8.24 -10.29 -14.24
N THR B 205 8.06 -11.25 -13.35
CA THR B 205 8.05 -11.03 -11.90
C THR B 205 9.11 -11.88 -11.24
N TYR B 206 9.79 -11.31 -10.24
CA TYR B 206 10.92 -11.94 -9.58
C TYR B 206 10.61 -12.06 -8.09
N GLU B 207 10.13 -13.24 -7.69
CA GLU B 207 9.66 -13.45 -6.33
C GLU B 207 10.77 -13.18 -5.32
N GLY B 208 10.46 -12.34 -4.35
CA GLY B 208 11.43 -11.94 -3.36
C GLY B 208 12.42 -10.90 -3.81
N MET B 209 12.41 -10.47 -5.07
CA MET B 209 13.28 -9.37 -5.44
C MET B 209 12.73 -8.06 -4.91
N MET B 210 13.62 -7.24 -4.36
CA MET B 210 13.24 -5.94 -3.84
C MET B 210 13.61 -4.88 -4.88
N HIS B 211 14.04 -3.69 -4.43
CA HIS B 211 14.43 -2.64 -5.37
C HIS B 211 15.88 -2.93 -5.76
N SER B 212 16.04 -3.75 -6.79
CA SER B 212 17.34 -4.26 -7.19
C SER B 212 17.21 -5.14 -8.42
N SER B 213 18.29 -5.79 -8.83
CA SER B 213 18.27 -6.77 -9.90
C SER B 213 18.47 -8.15 -9.30
N CYS B 214 18.38 -9.16 -10.17
CA CYS B 214 18.70 -10.54 -9.80
C CYS B 214 19.27 -11.24 -11.02
N GLN B 215 19.72 -12.48 -10.81
CA GLN B 215 20.39 -13.21 -11.89
C GLN B 215 19.42 -13.58 -13.00
N GLN B 216 18.24 -14.09 -12.64
CA GLN B 216 17.29 -14.53 -13.66
C GLN B 216 16.80 -13.36 -14.48
N GLU B 217 16.72 -12.17 -13.87
CA GLU B 217 16.32 -10.97 -14.60
C GLU B 217 17.34 -10.61 -15.68
N MET B 218 18.62 -10.57 -15.32
CA MET B 218 19.65 -10.34 -16.33
C MET B 218 19.60 -11.38 -17.44
N MET B 219 19.20 -12.62 -17.12
CA MET B 219 19.08 -13.64 -18.14
C MET B 219 17.92 -13.34 -19.07
N ASP B 220 16.78 -12.95 -18.50
CA ASP B 220 15.61 -12.64 -19.32
C ASP B 220 15.88 -11.44 -20.23
N VAL B 221 16.61 -10.44 -19.73
CA VAL B 221 16.99 -9.28 -20.53
C VAL B 221 17.92 -9.68 -21.66
N LYS B 222 18.91 -10.53 -21.36
CA LYS B 222 19.77 -11.07 -22.40
C LYS B 222 18.95 -11.74 -23.50
N GLN B 223 18.00 -12.60 -23.11
CA GLN B 223 17.16 -13.28 -24.10
C GLN B 223 16.36 -12.28 -24.91
N PHE B 224 15.77 -11.28 -24.24
CA PHE B 224 15.06 -10.21 -24.93
C PHE B 224 15.97 -9.49 -25.93
N ILE B 225 17.15 -9.08 -25.48
CA ILE B 225 18.08 -8.35 -26.35
C ILE B 225 18.55 -9.23 -27.49
N ASP B 226 18.78 -10.52 -27.22
CA ASP B 226 19.24 -11.41 -28.28
C ASP B 226 18.15 -11.65 -29.31
N LYS B 227 16.88 -11.67 -28.89
CA LYS B 227 15.79 -11.86 -29.84
C LYS B 227 15.55 -10.62 -30.69
N LEU B 228 15.73 -9.42 -30.11
CA LEU B 228 15.48 -8.20 -30.86
C LEU B 228 16.72 -7.63 -31.55
N LEU B 229 17.92 -7.94 -31.08
CA LEU B 229 19.15 -7.47 -31.71
C LEU B 229 19.99 -8.63 -32.20
N PRO B 230 19.44 -9.48 -33.09
CA PRO B 230 20.22 -10.59 -33.63
C PRO B 230 21.43 -10.08 -34.39
N PRO B 231 22.43 -10.91 -34.60
CA PRO B 231 23.55 -10.51 -35.47
C PRO B 231 23.08 -10.36 -36.91
N ILE B 232 23.87 -9.63 -37.69
CA ILE B 232 23.72 -9.65 -39.14
C ILE B 232 24.70 -10.60 -39.81
N ASP B 233 25.71 -11.08 -39.08
CA ASP B 233 26.69 -12.01 -39.60
C ASP B 233 26.55 -13.38 -38.95
N THR C 11 -31.54 -11.97 18.18
CA THR C 11 -31.07 -12.70 19.36
C THR C 11 -30.83 -14.19 19.04
N PRO C 12 -29.90 -14.47 18.13
CA PRO C 12 -29.61 -15.86 17.75
C PRO C 12 -28.51 -16.47 18.59
N LEU C 13 -28.74 -17.72 19.01
CA LEU C 13 -27.80 -18.37 19.93
C LEU C 13 -26.42 -18.49 19.29
N PRO C 14 -25.36 -18.14 20.01
CA PRO C 14 -24.01 -18.24 19.44
C PRO C 14 -23.68 -19.68 19.02
N ALA C 15 -22.75 -19.79 18.08
CA ALA C 15 -22.11 -21.06 17.79
C ALA C 15 -21.16 -21.42 18.94
N ILE C 16 -21.26 -22.63 19.45
CA ILE C 16 -20.56 -22.99 20.68
C ILE C 16 -19.81 -24.30 20.47
N VAL C 17 -18.58 -24.34 20.97
CA VAL C 17 -17.84 -25.60 21.10
C VAL C 17 -17.89 -25.97 22.59
N PRO C 18 -18.77 -26.88 22.99
CA PRO C 18 -18.96 -27.13 24.42
C PRO C 18 -17.74 -27.75 25.10
N ALA C 19 -17.67 -27.55 26.41
CA ALA C 19 -16.71 -28.30 27.22
C ALA C 19 -17.12 -29.76 27.28
N ALA C 20 -16.13 -30.65 27.37
CA ALA C 20 -16.39 -32.09 27.32
C ALA C 20 -17.19 -32.56 28.53
N ARG C 21 -16.65 -32.32 29.73
CA ARG C 21 -17.31 -32.76 30.97
C ARG C 21 -17.73 -31.60 31.86
N LYS C 22 -16.80 -30.72 32.25
CA LYS C 22 -17.13 -29.56 33.07
C LYS C 22 -16.36 -28.36 32.55
N ALA C 23 -17.07 -27.33 32.11
CA ALA C 23 -16.45 -26.09 31.67
C ALA C 23 -15.82 -25.36 32.86
N THR C 24 -14.50 -25.15 32.81
CA THR C 24 -13.82 -24.33 33.80
C THR C 24 -13.14 -23.11 33.18
N ALA C 25 -13.44 -22.80 31.93
CA ALA C 25 -12.91 -21.61 31.25
C ALA C 25 -13.69 -21.44 29.94
N ALA C 26 -13.54 -20.27 29.34
CA ALA C 26 -14.23 -20.00 28.09
C ALA C 26 -13.33 -19.17 27.18
N VAL C 27 -13.54 -19.32 25.88
CA VAL C 27 -12.96 -18.45 24.85
C VAL C 27 -14.11 -17.87 24.03
N ILE C 28 -14.27 -16.55 24.07
CA ILE C 28 -15.26 -15.83 23.28
C ILE C 28 -14.55 -15.20 22.10
N PHE C 29 -14.99 -15.52 20.87
CA PHE C 29 -14.30 -15.15 19.65
C PHE C 29 -15.26 -14.56 18.62
N LEU C 30 -14.91 -13.40 18.09
CA LEU C 30 -15.77 -12.58 17.25
C LEU C 30 -15.34 -12.69 15.80
N HIS C 31 -16.23 -13.20 14.96
CA HIS C 31 -15.95 -13.34 13.54
C HIS C 31 -15.77 -11.95 12.87
N GLY C 32 -15.31 -11.98 11.63
CA GLY C 32 -15.11 -10.77 10.85
C GLY C 32 -16.32 -10.39 10.01
N LEU C 33 -16.09 -9.43 9.10
CA LEU C 33 -17.16 -8.89 8.27
C LEU C 33 -17.88 -9.99 7.49
N GLY C 34 -19.21 -9.89 7.44
CA GLY C 34 -20.01 -10.75 6.60
C GLY C 34 -20.23 -12.17 7.11
N ASP C 35 -19.47 -12.62 8.10
CA ASP C 35 -19.50 -14.01 8.53
C ASP C 35 -20.59 -14.23 9.59
N THR C 36 -20.78 -15.51 9.95
CA THR C 36 -21.38 -15.94 11.20
C THR C 36 -20.30 -16.57 12.08
N GLY C 37 -20.71 -17.04 13.26
CA GLY C 37 -19.73 -17.71 14.11
C GLY C 37 -19.44 -19.17 13.77
N HIS C 38 -20.15 -19.75 12.80
N HIS C 38 -20.19 -19.75 12.82
CA HIS C 38 -20.08 -21.20 12.61
CA HIS C 38 -20.10 -21.18 12.57
C HIS C 38 -18.72 -21.65 12.09
C HIS C 38 -18.70 -21.59 12.15
N GLY C 39 -18.13 -20.91 11.15
CA GLY C 39 -16.82 -21.28 10.66
C GLY C 39 -15.76 -21.17 11.73
N TRP C 40 -15.87 -20.17 12.58
CA TRP C 40 -14.88 -20.01 13.64
C TRP C 40 -15.11 -21.02 14.77
N ALA C 41 -16.36 -21.38 15.06
CA ALA C 41 -16.61 -22.43 16.05
C ALA C 41 -15.99 -23.74 15.58
N GLU C 42 -16.20 -24.08 14.30
CA GLU C 42 -15.63 -25.29 13.73
C GLU C 42 -14.11 -25.30 13.84
N ALA C 43 -13.47 -24.16 13.54
CA ALA C 43 -12.01 -24.11 13.60
C ALA C 43 -11.52 -24.32 15.04
N PHE C 44 -12.15 -23.65 16.01
CA PHE C 44 -11.75 -23.88 17.40
C PHE C 44 -12.05 -25.31 17.83
N ALA C 45 -13.16 -25.88 17.35
CA ALA C 45 -13.39 -27.31 17.60
C ALA C 45 -12.13 -28.11 17.29
N GLY C 46 -11.40 -27.69 16.25
CA GLY C 46 -10.18 -28.38 15.88
C GLY C 46 -9.07 -28.29 16.91
N ILE C 47 -9.05 -27.23 17.72
CA ILE C 47 -7.99 -27.05 18.72
C ILE C 47 -8.52 -27.10 20.16
N ARG C 48 -9.69 -27.71 20.37
CA ARG C 48 -10.42 -27.57 21.62
C ARG C 48 -9.70 -28.28 22.78
N SER C 49 -9.98 -27.80 23.99
CA SER C 49 -9.54 -28.42 25.23
C SER C 49 -10.77 -28.77 26.07
N SER C 50 -10.75 -29.96 26.68
CA SER C 50 -11.97 -30.53 27.29
C SER C 50 -12.64 -29.56 28.25
N HIS C 51 -11.87 -28.83 29.05
CA HIS C 51 -12.43 -27.96 30.07
C HIS C 51 -12.81 -26.57 29.56
N ILE C 52 -12.65 -26.28 28.28
CA ILE C 52 -12.90 -24.95 27.74
C ILE C 52 -14.13 -24.97 26.85
N LYS C 53 -15.02 -24.00 27.06
CA LYS C 53 -16.18 -23.80 26.19
C LYS C 53 -15.89 -22.62 25.27
N TYR C 54 -16.07 -22.81 23.97
CA TYR C 54 -15.74 -21.80 22.96
C TYR C 54 -17.03 -21.19 22.45
N ILE C 55 -17.17 -19.87 22.61
CA ILE C 55 -18.38 -19.13 22.28
C ILE C 55 -18.11 -18.24 21.07
N CYS C 56 -18.87 -18.43 20.01
CA CYS C 56 -18.66 -17.73 18.76
C CYS C 56 -19.97 -17.04 18.40
N PRO C 57 -20.24 -15.85 18.95
CA PRO C 57 -21.54 -15.21 18.69
C PRO C 57 -21.62 -14.64 17.28
N HIS C 58 -22.84 -14.29 16.88
CA HIS C 58 -23.13 -13.82 15.53
C HIS C 58 -23.39 -12.32 15.55
N ALA C 59 -22.65 -11.58 14.73
CA ALA C 59 -22.96 -10.17 14.58
C ALA C 59 -24.31 -10.04 13.85
N PRO C 60 -25.06 -8.97 14.12
CA PRO C 60 -26.33 -8.79 13.44
C PRO C 60 -26.14 -8.34 12.00
N VAL C 61 -27.15 -8.66 11.17
CA VAL C 61 -27.16 -8.18 9.79
C VAL C 61 -27.42 -6.68 9.79
N ARG C 62 -26.66 -5.95 8.97
CA ARG C 62 -26.87 -4.52 8.84
C ARG C 62 -26.24 -4.04 7.54
N PRO C 63 -26.60 -2.85 7.05
CA PRO C 63 -25.90 -2.29 5.90
C PRO C 63 -24.51 -1.81 6.28
N VAL C 64 -23.54 -2.12 5.42
CA VAL C 64 -22.14 -1.74 5.59
C VAL C 64 -21.81 -0.70 4.52
N THR C 65 -21.55 0.55 4.94
CA THR C 65 -21.28 1.60 3.97
C THR C 65 -20.23 1.17 2.95
N LEU C 66 -19.12 0.61 3.42
CA LEU C 66 -17.98 0.28 2.55
C LEU C 66 -18.41 -0.30 1.22
N ASN C 67 -19.28 -1.30 1.23
CA ASN C 67 -19.63 -2.03 0.01
C ASN C 67 -21.08 -1.73 -0.34
N MET C 68 -21.29 -0.47 -0.73
CA MET C 68 -22.58 0.01 -1.26
C MET C 68 -23.75 -0.28 -0.31
N ASN C 69 -23.51 -0.10 0.98
CA ASN C 69 -24.55 -0.27 1.97
C ASN C 69 -25.17 -1.65 1.93
N VAL C 70 -24.46 -2.64 1.37
CA VAL C 70 -25.01 -3.97 1.28
C VAL C 70 -25.20 -4.54 2.67
N ALA C 71 -26.28 -5.29 2.84
CA ALA C 71 -26.69 -5.81 4.13
C ALA C 71 -25.96 -7.12 4.37
N MET C 72 -25.22 -7.18 5.47
CA MET C 72 -24.51 -8.39 5.83
C MET C 72 -24.21 -8.33 7.32
N PRO C 73 -23.82 -9.45 7.91
CA PRO C 73 -23.37 -9.39 9.31
C PRO C 73 -22.17 -8.46 9.46
N SER C 74 -22.24 -7.60 10.47
CA SER C 74 -21.15 -6.69 10.76
C SER C 74 -21.30 -6.23 12.21
N TRP C 75 -20.18 -6.21 12.95
CA TRP C 75 -20.24 -5.80 14.35
C TRP C 75 -20.54 -4.31 14.49
N PHE C 76 -20.08 -3.50 13.53
CA PHE C 76 -20.37 -2.08 13.45
C PHE C 76 -20.18 -1.68 11.99
N ASP C 77 -20.48 -0.43 11.66
CA ASP C 77 -20.35 0.01 10.27
C ASP C 77 -18.88 0.21 9.91
N ILE C 78 -18.53 -0.14 8.68
CA ILE C 78 -17.23 0.12 8.08
C ILE C 78 -17.44 1.10 6.95
N ILE C 79 -16.65 2.18 6.93
CA ILE C 79 -16.80 3.23 5.93
C ILE C 79 -15.73 3.05 4.86
N GLY C 80 -14.46 3.06 5.27
CA GLY C 80 -13.36 2.81 4.35
C GLY C 80 -12.27 1.90 4.90
N LEU C 81 -11.19 1.75 4.14
CA LEU C 81 -10.11 0.86 4.51
C LEU C 81 -8.86 1.59 4.98
N SER C 82 -8.87 2.92 5.01
CA SER C 82 -7.64 3.62 5.36
C SER C 82 -7.55 3.92 6.85
N PRO C 83 -6.34 4.07 7.37
CA PRO C 83 -6.19 4.56 8.75
C PRO C 83 -6.85 5.90 8.98
N ASP C 84 -7.19 6.65 7.93
CA ASP C 84 -7.84 7.93 8.07
C ASP C 84 -9.35 7.85 7.82
N SER C 85 -9.85 6.72 7.35
CA SER C 85 -11.28 6.58 7.14
C SER C 85 -12.01 6.74 8.46
N GLN C 86 -13.21 7.33 8.39
CA GLN C 86 -14.03 7.53 9.58
C GLN C 86 -14.43 6.19 10.19
N GLU C 87 -14.30 6.07 11.51
CA GLU C 87 -14.66 4.84 12.20
C GLU C 87 -15.99 5.02 12.93
N ASP C 88 -16.78 3.94 12.95
CA ASP C 88 -18.13 3.98 13.51
C ASP C 88 -18.01 3.97 15.03
N GLU C 89 -17.75 5.16 15.58
CA GLU C 89 -17.49 5.27 17.01
C GLU C 89 -18.64 4.71 17.84
N SER C 90 -19.87 5.20 17.60
CA SER C 90 -21.00 4.75 18.41
C SER C 90 -21.33 3.29 18.16
N GLY C 91 -21.27 2.83 16.91
CA GLY C 91 -21.39 1.40 16.65
C GLY C 91 -20.39 0.59 17.43
N ILE C 92 -19.14 1.04 17.47
CA ILE C 92 -18.07 0.31 18.12
C ILE C 92 -18.29 0.26 19.63
N LYS C 93 -18.62 1.40 20.25
CA LYS C 93 -18.82 1.39 21.70
C LYS C 93 -20.03 0.55 22.07
N GLN C 94 -21.10 0.64 21.28
CA GLN C 94 -22.29 -0.16 21.52
C GLN C 94 -21.98 -1.66 21.44
N ALA C 95 -21.27 -2.08 20.39
CA ALA C 95 -20.86 -3.48 20.29
C ALA C 95 -20.04 -3.90 21.50
N ALA C 96 -19.10 -3.06 21.93
CA ALA C 96 -18.27 -3.41 23.08
C ALA C 96 -19.12 -3.65 24.32
N GLU C 97 -20.15 -2.83 24.53
CA GLU C 97 -21.07 -3.05 25.64
C GLU C 97 -21.73 -4.42 25.55
N ASN C 98 -22.18 -4.80 24.34
CA ASN C 98 -22.79 -6.12 24.17
C ASN C 98 -21.79 -7.22 24.52
N ILE C 99 -20.57 -7.10 24.03
CA ILE C 99 -19.57 -8.13 24.34
C ILE C 99 -19.29 -8.15 25.85
N LYS C 100 -19.25 -6.98 26.49
CA LYS C 100 -19.09 -6.97 27.95
C LYS C 100 -20.20 -7.75 28.62
N ALA C 101 -21.41 -7.65 28.07
CA ALA C 101 -22.55 -8.40 28.59
C ALA C 101 -22.37 -9.90 28.37
N LEU C 102 -21.92 -10.30 27.19
CA LEU C 102 -21.64 -11.70 26.97
C LEU C 102 -20.63 -12.23 27.97
N ILE C 103 -19.57 -11.47 28.24
CA ILE C 103 -18.60 -11.83 29.28
C ILE C 103 -19.30 -11.98 30.63
N ASP C 104 -20.16 -11.01 30.96
CA ASP C 104 -20.89 -11.05 32.23
C ASP C 104 -21.77 -12.30 32.34
N GLN C 105 -22.41 -12.69 31.24
CA GLN C 105 -23.29 -13.85 31.26
C GLN C 105 -22.54 -15.14 31.56
N GLU C 106 -21.30 -15.26 31.07
CA GLU C 106 -20.50 -16.45 31.37
C GLU C 106 -19.95 -16.41 32.79
N VAL C 107 -19.62 -15.22 33.29
CA VAL C 107 -19.16 -15.10 34.67
C VAL C 107 -20.28 -15.47 35.63
N LYS C 108 -21.45 -14.85 35.47
CA LYS C 108 -22.59 -15.12 36.35
C LYS C 108 -23.10 -16.54 36.22
N ASN C 109 -22.61 -17.31 35.25
CA ASN C 109 -23.01 -18.70 35.10
C ASN C 109 -21.96 -19.70 35.59
N GLY C 110 -20.79 -19.23 35.99
CA GLY C 110 -19.85 -20.13 36.62
C GLY C 110 -18.38 -19.95 36.34
N ILE C 111 -18.02 -19.26 35.27
CA ILE C 111 -16.63 -19.15 34.82
C ILE C 111 -16.17 -17.71 35.10
N PRO C 112 -15.15 -17.51 35.92
CA PRO C 112 -14.71 -16.15 36.24
C PRO C 112 -14.07 -15.46 35.04
N SER C 113 -14.06 -14.13 35.09
CA SER C 113 -13.54 -13.37 33.96
C SER C 113 -12.08 -13.68 33.71
N ASN C 114 -11.29 -13.87 34.78
CA ASN C 114 -9.90 -14.25 34.61
C ASN C 114 -9.73 -15.66 34.06
N ARG C 115 -10.82 -16.36 33.76
CA ARG C 115 -10.76 -17.62 33.03
C ARG C 115 -11.39 -17.50 31.64
N ILE C 116 -11.51 -16.28 31.11
CA ILE C 116 -12.10 -16.06 29.79
C ILE C 116 -11.09 -15.35 28.90
N ILE C 117 -10.88 -15.89 27.71
CA ILE C 117 -10.06 -15.24 26.68
C ILE C 117 -11.00 -14.60 25.65
N LEU C 118 -10.78 -13.33 25.35
CA LEU C 118 -11.50 -12.64 24.30
C LEU C 118 -10.64 -12.56 23.04
N GLY C 119 -11.28 -12.62 21.88
CA GLY C 119 -10.54 -12.61 20.64
C GLY C 119 -11.49 -12.49 19.46
N GLY C 120 -10.91 -12.38 18.27
CA GLY C 120 -11.72 -12.30 17.07
C GLY C 120 -10.86 -12.14 15.83
N PHE C 121 -11.53 -11.98 14.69
CA PHE C 121 -10.87 -11.90 13.40
C PHE C 121 -11.29 -10.62 12.67
N SER C 122 -10.30 -9.89 12.15
CA SER C 122 -10.52 -8.61 11.48
C SER C 122 -11.34 -7.69 12.37
N GLN C 123 -12.51 -7.25 11.92
CA GLN C 123 -13.31 -6.34 12.72
C GLN C 123 -13.62 -6.93 14.11
N GLY C 124 -13.85 -8.24 14.18
CA GLY C 124 -14.08 -8.88 15.47
C GLY C 124 -12.84 -8.88 16.36
N GLY C 125 -11.66 -8.95 15.75
CA GLY C 125 -10.44 -8.78 16.52
C GLY C 125 -10.28 -7.35 17.00
N ALA C 126 -10.55 -6.38 16.12
CA ALA C 126 -10.57 -4.97 16.51
C ALA C 126 -11.51 -4.75 17.68
N LEU C 127 -12.74 -5.24 17.57
CA LEU C 127 -13.69 -5.16 18.67
C LEU C 127 -13.11 -5.82 19.92
N SER C 128 -12.52 -6.99 19.78
CA SER C 128 -11.98 -7.69 20.95
C SER C 128 -10.90 -6.87 21.64
N LEU C 129 -10.01 -6.24 20.86
CA LEU C 129 -8.98 -5.39 21.46
C LEU C 129 -9.60 -4.21 22.17
N TYR C 130 -10.47 -3.48 21.47
CA TYR C 130 -11.15 -2.35 22.09
C TYR C 130 -11.88 -2.76 23.38
N THR C 131 -12.61 -3.87 23.34
CA THR C 131 -13.35 -4.30 24.53
C THR C 131 -12.38 -4.60 25.68
N ALA C 132 -11.36 -5.42 25.42
CA ALA C 132 -10.45 -5.80 26.51
C ALA C 132 -9.82 -4.58 27.18
N LEU C 133 -9.55 -3.54 26.40
CA LEU C 133 -8.84 -2.37 26.91
C LEU C 133 -9.76 -1.32 27.51
N THR C 134 -11.06 -1.55 27.49
CA THR C 134 -12.03 -0.58 27.99
C THR C 134 -12.98 -1.16 29.03
N THR C 135 -12.82 -2.44 29.40
CA THR C 135 -13.61 -3.06 30.44
C THR C 135 -12.75 -3.27 31.67
N GLN C 136 -13.37 -3.19 32.84
CA GLN C 136 -12.71 -3.54 34.09
C GLN C 136 -12.94 -5.00 34.45
N GLN C 137 -13.48 -5.78 33.53
CA GLN C 137 -13.50 -7.23 33.68
C GLN C 137 -12.11 -7.77 33.37
N LYS C 138 -11.48 -8.39 34.37
CA LYS C 138 -10.10 -8.84 34.19
C LYS C 138 -10.10 -10.16 33.43
N LEU C 139 -9.40 -10.18 32.30
CA LEU C 139 -9.51 -11.27 31.35
C LEU C 139 -8.22 -12.06 31.31
N ALA C 140 -8.31 -13.30 30.86
CA ALA C 140 -7.12 -14.15 30.81
C ALA C 140 -6.21 -13.81 29.64
N GLY C 141 -6.71 -13.12 28.62
CA GLY C 141 -5.89 -12.82 27.47
C GLY C 141 -6.75 -12.44 26.27
N VAL C 142 -6.05 -12.17 25.16
CA VAL C 142 -6.71 -11.79 23.91
C VAL C 142 -5.96 -12.42 22.74
N THR C 143 -6.71 -12.91 21.75
CA THR C 143 -6.16 -13.44 20.51
C THR C 143 -6.72 -12.62 19.36
N ALA C 144 -5.90 -11.71 18.80
CA ALA C 144 -6.31 -10.78 17.75
C ALA C 144 -5.71 -11.23 16.42
N LEU C 145 -6.58 -11.67 15.50
CA LEU C 145 -6.16 -12.23 14.21
C LEU C 145 -6.52 -11.26 13.10
N SER C 146 -5.52 -10.89 12.30
CA SER C 146 -5.74 -10.11 11.07
C SER C 146 -6.59 -8.88 11.31
N CYS C 147 -6.22 -8.07 12.30
CA CYS C 147 -7.07 -6.95 12.64
C CYS C 147 -6.21 -5.74 13.01
N TRP C 148 -6.79 -4.81 13.75
CA TRP C 148 -6.19 -3.51 14.03
C TRP C 148 -6.86 -2.97 15.29
N LEU C 149 -6.36 -1.83 15.75
CA LEU C 149 -6.92 -1.20 16.94
C LEU C 149 -7.85 -0.09 16.53
N PRO C 150 -9.15 -0.19 16.77
CA PRO C 150 -10.08 0.86 16.35
C PRO C 150 -10.06 2.02 17.35
N LEU C 151 -10.53 3.18 16.87
CA LEU C 151 -10.64 4.38 17.69
C LEU C 151 -9.33 4.72 18.39
N ARG C 152 -8.21 4.35 17.77
CA ARG C 152 -6.91 4.51 18.43
C ARG C 152 -6.73 5.91 19.01
N ALA C 153 -7.31 6.93 18.38
CA ALA C 153 -7.10 8.30 18.85
C ALA C 153 -7.85 8.64 20.15
N SER C 154 -8.82 7.81 20.55
CA SER C 154 -9.56 8.05 21.79
C SER C 154 -8.84 7.55 23.04
N PHE C 155 -7.70 6.88 22.90
CA PHE C 155 -7.00 6.33 24.06
C PHE C 155 -6.04 7.36 24.62
N PRO C 156 -6.14 7.73 25.91
CA PRO C 156 -5.05 8.50 26.51
C PRO C 156 -3.77 7.70 26.37
N GLN C 157 -2.65 8.40 26.25
CA GLN C 157 -1.44 7.65 26.00
C GLN C 157 -0.84 7.17 27.32
N GLY C 158 0.10 6.24 27.21
CA GLY C 158 0.76 5.64 28.35
C GLY C 158 0.00 4.41 28.78
N PRO C 159 0.53 3.65 29.73
CA PRO C 159 -0.20 2.49 30.25
C PRO C 159 -1.61 2.92 30.63
N ILE C 160 -2.60 2.14 30.18
CA ILE C 160 -3.99 2.48 30.49
C ILE C 160 -4.24 2.37 31.99
N GLY C 161 -3.57 1.44 32.66
CA GLY C 161 -3.99 1.07 34.00
C GLY C 161 -5.17 0.11 33.95
N GLY C 162 -5.97 0.11 35.01
CA GLY C 162 -7.16 -0.73 35.03
C GLY C 162 -6.81 -2.21 35.20
N ALA C 163 -7.85 -3.04 35.09
CA ALA C 163 -7.68 -4.47 35.36
C ALA C 163 -6.81 -5.16 34.32
N ASN C 164 -6.89 -4.74 33.06
CA ASN C 164 -6.23 -5.43 31.96
C ASN C 164 -4.91 -4.78 31.56
N ARG C 165 -4.29 -4.02 32.45
CA ARG C 165 -3.02 -3.37 32.14
C ARG C 165 -1.90 -4.36 31.88
N ASP C 166 -2.00 -5.58 32.40
CA ASP C 166 -0.97 -6.61 32.22
C ASP C 166 -1.43 -7.74 31.32
N ILE C 167 -2.51 -7.55 30.55
CA ILE C 167 -3.13 -8.66 29.82
C ILE C 167 -2.19 -9.22 28.76
N SER C 168 -2.20 -10.54 28.61
CA SER C 168 -1.48 -11.19 27.53
C SER C 168 -2.25 -11.03 26.22
N ILE C 169 -1.54 -10.72 25.15
CA ILE C 169 -2.15 -10.48 23.85
C ILE C 169 -1.32 -11.22 22.81
N LEU C 170 -1.97 -12.09 22.06
CA LEU C 170 -1.37 -12.68 20.87
C LEU C 170 -2.02 -12.01 19.66
N GLN C 171 -1.20 -11.43 18.79
CA GLN C 171 -1.67 -10.79 17.57
C GLN C 171 -1.06 -11.54 16.40
N CYS C 172 -1.92 -12.09 15.55
CA CYS C 172 -1.55 -12.88 14.39
C CYS C 172 -1.90 -12.11 13.13
N HIS C 173 -1.10 -12.30 12.08
CA HIS C 173 -1.35 -11.57 10.84
C HIS C 173 -0.65 -12.26 9.68
N GLY C 174 -1.31 -12.22 8.52
CA GLY C 174 -0.71 -12.70 7.29
C GLY C 174 -0.05 -11.57 6.50
N ASP C 175 1.06 -11.88 5.84
CA ASP C 175 1.76 -10.84 5.10
C ASP C 175 1.14 -10.53 3.75
N CYS C 176 0.15 -11.31 3.30
CA CYS C 176 -0.48 -11.13 2.00
C CYS C 176 -1.95 -10.72 2.13
N ASP C 177 -2.28 -9.97 3.18
CA ASP C 177 -3.65 -9.58 3.44
C ASP C 177 -3.96 -8.27 2.72
N PRO C 178 -4.87 -8.28 1.75
CA PRO C 178 -5.17 -7.05 0.99
C PRO C 178 -6.21 -6.17 1.66
N LEU C 179 -6.99 -6.76 2.56
CA LEU C 179 -8.00 -5.99 3.24
C LEU C 179 -7.42 -5.28 4.47
N VAL C 180 -6.73 -6.01 5.33
CA VAL C 180 -6.01 -5.38 6.45
C VAL C 180 -4.53 -5.64 6.27
N PRO C 181 -3.77 -4.73 5.67
CA PRO C 181 -2.37 -5.02 5.40
C PRO C 181 -1.61 -5.29 6.69
N LEU C 182 -0.58 -6.12 6.59
CA LEU C 182 0.14 -6.55 7.78
C LEU C 182 0.75 -5.37 8.54
N MET C 183 1.03 -4.25 7.85
CA MET C 183 1.57 -3.10 8.56
C MET C 183 0.56 -2.52 9.55
N PHE C 184 -0.73 -2.57 9.23
CA PHE C 184 -1.74 -2.09 10.18
C PHE C 184 -1.74 -2.92 11.45
N GLY C 185 -1.46 -4.23 11.35
CA GLY C 185 -1.31 -5.05 12.55
C GLY C 185 -0.01 -4.79 13.29
N SER C 186 1.09 -4.64 12.56
CA SER C 186 2.37 -4.33 13.20
C SER C 186 2.32 -3.00 13.93
N LEU C 187 1.60 -2.02 13.40
CA LEU C 187 1.47 -0.75 14.09
C LEU C 187 0.52 -0.86 15.28
N THR C 188 -0.54 -1.66 15.13
CA THR C 188 -1.46 -1.85 16.25
C THR C 188 -0.72 -2.40 17.46
N VAL C 189 0.20 -3.35 17.23
CA VAL C 189 0.89 -3.97 18.35
C VAL C 189 1.88 -3.01 18.99
N GLU C 190 2.40 -2.03 18.23
CA GLU C 190 3.17 -0.97 18.87
C GLU C 190 2.29 -0.09 19.76
N LYS C 191 1.09 0.25 19.30
CA LYS C 191 0.16 0.97 20.16
C LYS C 191 -0.21 0.14 21.39
N LEU C 192 -0.53 -1.14 21.19
CA LEU C 192 -0.81 -2.01 22.34
C LEU C 192 0.40 -2.08 23.27
N LYS C 193 1.62 -1.96 22.75
CA LYS C 193 2.80 -2.11 23.60
C LYS C 193 3.10 -0.87 24.43
N THR C 194 2.45 0.24 24.14
CA THR C 194 2.45 1.35 25.06
C THR C 194 1.19 1.39 25.94
N LEU C 195 0.11 0.71 25.53
CA LEU C 195 -1.16 0.78 26.26
C LEU C 195 -1.19 -0.18 27.47
N VAL C 196 -0.60 -1.37 27.32
CA VAL C 196 -0.47 -2.33 28.42
C VAL C 196 0.99 -2.78 28.47
N ASN C 197 1.27 -3.77 29.31
CA ASN C 197 2.66 -4.26 29.47
C ASN C 197 3.14 -4.89 28.17
N PRO C 198 4.21 -4.39 27.56
CA PRO C 198 4.64 -4.93 26.25
C PRO C 198 5.29 -6.29 26.34
N ALA C 199 5.73 -6.70 27.52
CA ALA C 199 6.32 -8.03 27.66
C ALA C 199 5.30 -9.14 27.45
N ASN C 200 4.00 -8.84 27.51
CA ASN C 200 2.95 -9.82 27.31
C ASN C 200 2.26 -9.71 25.95
N VAL C 201 2.75 -8.85 25.05
CA VAL C 201 2.17 -8.66 23.73
C VAL C 201 3.07 -9.33 22.71
N THR C 202 2.54 -10.36 22.02
CA THR C 202 3.27 -11.11 21.01
C THR C 202 2.64 -10.90 19.63
N PHE C 203 3.49 -10.81 18.62
CA PHE C 203 3.08 -10.64 17.23
C PHE C 203 3.59 -11.82 16.43
N LYS C 204 2.72 -12.48 15.67
CA LYS C 204 3.10 -13.63 14.87
C LYS C 204 2.63 -13.44 13.43
N THR C 205 3.54 -13.64 12.49
CA THR C 205 3.31 -13.37 11.08
C THR C 205 3.31 -14.68 10.30
N TYR C 206 2.39 -14.80 9.34
CA TYR C 206 2.25 -16.05 8.58
C TYR C 206 2.47 -15.77 7.09
N GLU C 207 3.57 -16.28 6.56
CA GLU C 207 4.00 -15.95 5.21
C GLU C 207 3.06 -16.54 4.17
N GLY C 208 2.58 -15.69 3.25
CA GLY C 208 1.69 -16.11 2.20
C GLY C 208 0.22 -16.10 2.58
N MET C 209 -0.10 -16.10 3.87
CA MET C 209 -1.49 -15.99 4.30
C MET C 209 -2.05 -14.62 3.93
N MET C 210 -3.27 -14.62 3.38
CA MET C 210 -3.97 -13.39 3.06
C MET C 210 -5.02 -13.10 4.14
N HIS C 211 -6.18 -12.61 3.71
CA HIS C 211 -7.29 -12.29 4.67
C HIS C 211 -8.05 -13.57 5.03
N SER C 212 -7.40 -14.48 5.78
CA SER C 212 -8.03 -15.76 6.20
C SER C 212 -7.29 -16.33 7.40
N SER C 213 -7.25 -17.66 7.51
CA SER C 213 -6.56 -18.34 8.64
C SER C 213 -5.75 -19.53 8.12
N CYS C 214 -4.73 -19.95 8.88
CA CYS C 214 -3.88 -21.06 8.49
C CYS C 214 -3.70 -21.99 9.69
N GLN C 215 -3.31 -23.21 9.37
CA GLN C 215 -3.19 -24.23 10.39
C GLN C 215 -2.08 -23.90 11.39
N GLN C 216 -0.98 -23.29 10.93
CA GLN C 216 0.06 -22.89 11.88
C GLN C 216 -0.48 -21.83 12.83
N GLU C 217 -1.30 -20.91 12.32
CA GLU C 217 -1.93 -19.90 13.18
C GLU C 217 -2.76 -20.56 14.27
N MET C 218 -3.61 -21.52 13.90
CA MET C 218 -4.49 -22.16 14.87
C MET C 218 -3.71 -22.92 15.92
N MET C 219 -2.59 -23.53 15.52
CA MET C 219 -1.72 -24.20 16.49
C MET C 219 -1.09 -23.20 17.45
N ASP C 220 -0.73 -22.01 16.94
CA ASP C 220 -0.20 -20.97 17.83
C ASP C 220 -1.26 -20.39 18.74
N VAL C 221 -2.51 -20.29 18.27
CA VAL C 221 -3.60 -19.88 19.14
C VAL C 221 -3.87 -20.93 20.21
N LYS C 222 -3.82 -22.21 19.84
CA LYS C 222 -4.04 -23.28 20.81
C LYS C 222 -3.04 -23.18 21.96
N GLN C 223 -1.75 -23.07 21.63
CA GLN C 223 -0.73 -23.00 22.68
C GLN C 223 -0.94 -21.77 23.56
N PHE C 224 -1.20 -20.63 22.95
CA PHE C 224 -1.47 -19.42 23.73
C PHE C 224 -2.65 -19.62 24.66
N ILE C 225 -3.77 -20.14 24.13
CA ILE C 225 -4.96 -20.35 24.93
C ILE C 225 -4.69 -21.33 26.06
N ASP C 226 -4.13 -22.49 25.72
CA ASP C 226 -3.99 -23.55 26.71
C ASP C 226 -2.98 -23.19 27.81
N LYS C 227 -2.04 -22.28 27.53
CA LYS C 227 -1.10 -21.85 28.55
C LYS C 227 -1.75 -20.89 29.55
N LEU C 228 -2.66 -20.05 29.09
CA LEU C 228 -3.30 -19.09 29.97
C LEU C 228 -4.55 -19.64 30.62
N LEU C 229 -5.04 -20.79 30.16
CA LEU C 229 -6.28 -21.37 30.65
C LEU C 229 -6.07 -22.86 30.92
N PRO C 230 -5.10 -23.20 31.75
CA PRO C 230 -4.80 -24.61 31.98
C PRO C 230 -5.92 -25.27 32.75
N PRO C 231 -6.01 -26.59 32.70
CA PRO C 231 -7.03 -27.30 33.48
C PRO C 231 -6.78 -27.14 34.98
N ILE C 232 -7.87 -26.99 35.74
CA ILE C 232 -7.78 -27.01 37.19
C ILE C 232 -7.70 -28.43 37.72
N ASP C 233 -8.00 -29.42 36.88
CA ASP C 233 -7.81 -30.83 37.21
C ASP C 233 -6.39 -31.26 36.84
N THR D 11 37.25 10.05 8.36
CA THR D 11 36.26 10.84 9.07
C THR D 11 36.53 12.34 8.90
N PRO D 12 36.08 12.90 7.77
CA PRO D 12 36.25 14.34 7.56
C PRO D 12 35.60 15.15 8.67
N LEU D 13 36.19 16.30 8.97
CA LEU D 13 35.73 17.11 10.10
C LEU D 13 34.31 17.62 9.86
N PRO D 14 33.45 17.60 10.87
CA PRO D 14 32.05 18.00 10.66
C PRO D 14 31.93 19.46 10.25
N ALA D 15 30.78 19.80 9.67
CA ALA D 15 30.41 21.20 9.53
C ALA D 15 30.05 21.75 10.91
N ILE D 16 30.80 22.76 11.36
CA ILE D 16 30.62 23.30 12.70
C ILE D 16 30.28 24.77 12.60
N VAL D 17 29.20 25.17 13.26
CA VAL D 17 28.93 26.56 13.55
C VAL D 17 29.56 26.88 14.92
N PRO D 18 30.61 27.69 14.98
CA PRO D 18 31.29 27.91 16.25
C PRO D 18 30.55 28.86 17.17
N ALA D 19 30.88 28.80 18.45
CA ALA D 19 30.32 29.71 19.43
C ALA D 19 31.08 31.03 19.42
N ALA D 20 30.35 32.14 19.57
CA ALA D 20 30.90 33.48 19.46
C ALA D 20 32.31 33.60 20.03
N ARG D 21 32.46 33.30 21.32
CA ARG D 21 33.76 33.25 21.96
C ARG D 21 33.90 31.85 22.53
N LYS D 22 33.79 31.67 23.85
CA LYS D 22 33.92 30.30 24.38
C LYS D 22 32.56 29.61 24.34
N ALA D 23 32.56 28.36 23.88
CA ALA D 23 31.34 27.55 23.82
C ALA D 23 31.03 26.99 25.21
N THR D 24 29.89 27.39 25.78
CA THR D 24 29.39 26.84 27.03
C THR D 24 28.40 25.70 26.82
N ALA D 25 28.07 25.38 25.58
CA ALA D 25 27.16 24.27 25.30
C ALA D 25 27.37 23.83 23.85
N ALA D 26 26.69 22.75 23.48
CA ALA D 26 26.90 22.19 22.14
C ALA D 26 25.64 21.47 21.68
N VAL D 27 25.47 21.45 20.36
CA VAL D 27 24.41 20.70 19.69
C VAL D 27 25.09 19.82 18.65
N ILE D 28 24.82 18.51 18.71
CA ILE D 28 25.37 17.55 17.76
C ILE D 28 24.20 17.04 16.92
N PHE D 29 24.13 17.45 15.66
CA PHE D 29 23.00 17.11 14.79
C PHE D 29 23.45 16.19 13.65
N LEU D 30 22.76 15.06 13.52
CA LEU D 30 23.06 14.03 12.55
C LEU D 30 22.11 14.13 11.37
N HIS D 31 22.67 14.24 10.16
CA HIS D 31 21.86 14.38 8.96
C HIS D 31 21.18 13.05 8.60
N GLY D 32 20.24 13.13 7.66
CA GLY D 32 19.53 11.98 7.16
C GLY D 32 20.24 11.31 5.98
N LEU D 33 19.54 10.34 5.40
CA LEU D 33 20.11 9.51 4.34
C LEU D 33 20.57 10.33 3.16
N GLY D 34 21.75 9.99 2.64
CA GLY D 34 22.28 10.58 1.45
C GLY D 34 22.96 11.92 1.63
N ASP D 35 22.80 12.56 2.79
CA ASP D 35 23.21 13.94 2.99
C ASP D 35 24.66 14.03 3.51
N THR D 36 25.15 15.26 3.56
CA THR D 36 26.27 15.64 4.40
C THR D 36 25.74 16.53 5.52
N GLY D 37 26.65 17.03 6.35
CA GLY D 37 26.26 17.90 7.45
C GLY D 37 26.14 19.37 7.12
N HIS D 38 26.50 19.79 5.90
CA HIS D 38 26.54 21.21 5.59
C HIS D 38 25.16 21.84 5.59
N GLY D 39 24.17 21.14 5.02
CA GLY D 39 22.82 21.70 4.98
C GLY D 39 22.28 22.03 6.36
N TRP D 40 22.33 21.06 7.28
CA TRP D 40 21.81 21.30 8.62
C TRP D 40 22.64 22.33 9.38
N ALA D 41 23.97 22.36 9.16
CA ALA D 41 24.79 23.39 9.80
C ALA D 41 24.42 24.77 9.32
N GLU D 42 24.11 24.92 8.03
CA GLU D 42 23.55 26.18 7.57
C GLU D 42 22.21 26.48 8.26
N ALA D 43 21.35 25.46 8.41
CA ALA D 43 20.06 25.67 9.05
C ALA D 43 20.21 26.13 10.50
N PHE D 44 21.14 25.51 11.25
CA PHE D 44 21.37 25.92 12.63
C PHE D 44 22.11 27.24 12.70
N ALA D 45 22.93 27.55 11.69
CA ALA D 45 23.56 28.86 11.62
C ALA D 45 22.53 29.98 11.61
N GLY D 46 21.32 29.72 11.10
CA GLY D 46 20.27 30.73 11.11
C GLY D 46 19.53 30.89 12.42
N ILE D 47 19.55 29.88 13.30
CA ILE D 47 18.92 29.99 14.62
C ILE D 47 19.95 30.00 15.74
N ARG D 48 21.22 30.24 15.42
CA ARG D 48 22.28 30.02 16.39
C ARG D 48 22.18 31.00 17.56
N SER D 49 22.67 30.54 18.71
CA SER D 49 22.90 31.37 19.90
C SER D 49 24.39 31.59 20.09
N SER D 50 24.74 32.72 20.72
CA SER D 50 26.13 33.16 20.75
C SER D 50 27.03 32.17 21.49
N HIS D 51 26.52 31.49 22.50
CA HIS D 51 27.34 30.63 23.36
C HIS D 51 27.30 29.15 22.97
N ILE D 52 26.60 28.78 21.91
CA ILE D 52 26.42 27.37 21.53
C ILE D 52 27.23 27.09 20.28
N LYS D 53 27.96 25.99 20.30
CA LYS D 53 28.58 25.43 19.11
C LYS D 53 27.67 24.34 18.54
N TYR D 54 27.52 24.32 17.22
CA TYR D 54 26.63 23.38 16.54
C TYR D 54 27.48 22.49 15.63
N ILE D 55 27.54 21.21 15.96
CA ILE D 55 28.40 20.23 15.29
C ILE D 55 27.51 19.30 14.48
N CYS D 56 27.78 19.20 13.18
CA CYS D 56 26.97 18.43 12.24
C CYS D 56 27.87 17.45 11.51
N PRO D 57 28.19 16.29 12.10
CA PRO D 57 29.13 15.37 11.44
C PRO D 57 28.60 14.81 10.13
N HIS D 58 29.52 14.26 9.36
CA HIS D 58 29.25 13.69 8.05
C HIS D 58 29.27 12.17 8.13
N ALA D 59 28.21 11.53 7.62
CA ALA D 59 28.13 10.08 7.62
C ALA D 59 28.97 9.50 6.49
N PRO D 60 29.59 8.34 6.71
CA PRO D 60 30.45 7.76 5.67
C PRO D 60 29.64 7.36 4.45
N VAL D 61 30.28 7.41 3.28
CA VAL D 61 29.66 6.88 2.09
C VAL D 61 29.65 5.37 2.20
N ARG D 62 28.53 4.76 1.80
CA ARG D 62 28.38 3.32 1.95
C ARG D 62 27.22 2.81 1.09
N PRO D 63 27.26 1.57 0.62
CA PRO D 63 26.11 1.03 -0.11
C PRO D 63 24.91 0.92 0.83
N VAL D 64 23.72 1.15 0.28
CA VAL D 64 22.49 1.07 1.05
C VAL D 64 21.53 0.12 0.33
N THR D 65 21.11 -0.93 1.02
CA THR D 65 20.31 -1.99 0.40
C THR D 65 19.01 -1.45 -0.20
N LEU D 66 18.40 -0.46 0.43
CA LEU D 66 17.09 0.01 0.00
C LEU D 66 17.05 0.33 -1.50
N ASN D 67 18.04 1.08 -1.98
CA ASN D 67 18.06 1.55 -3.37
C ASN D 67 19.21 0.89 -4.13
N MET D 68 19.09 -0.42 -4.36
CA MET D 68 19.96 -1.12 -5.30
C MET D 68 21.40 -1.20 -4.83
N ASN D 69 21.62 -1.27 -3.51
CA ASN D 69 22.97 -1.24 -2.93
C ASN D 69 23.78 -0.04 -3.43
N VAL D 70 23.13 1.09 -3.61
CA VAL D 70 23.82 2.25 -4.17
C VAL D 70 24.51 3.01 -3.06
N ALA D 71 25.72 3.48 -3.36
CA ALA D 71 26.57 4.08 -2.34
C ALA D 71 26.21 5.54 -2.14
N MET D 72 25.97 5.90 -0.88
CA MET D 72 25.66 7.28 -0.52
C MET D 72 25.94 7.45 0.97
N PRO D 73 26.09 8.69 1.43
CA PRO D 73 26.23 8.91 2.87
C PRO D 73 25.07 8.27 3.61
N SER D 74 25.39 7.61 4.74
CA SER D 74 24.39 6.90 5.53
C SER D 74 25.03 6.42 6.84
N TRP D 75 24.32 6.61 7.94
CA TRP D 75 24.86 6.22 9.25
C TRP D 75 24.85 4.70 9.42
N PHE D 76 23.82 4.04 8.90
CA PHE D 76 23.75 2.59 8.90
C PHE D 76 22.98 2.16 7.65
N ASP D 77 22.88 0.85 7.44
CA ASP D 77 22.17 0.32 6.28
C ASP D 77 20.66 0.40 6.49
N ILE D 78 19.93 0.76 5.44
CA ILE D 78 18.47 0.74 5.45
C ILE D 78 18.01 -0.33 4.48
N ILE D 79 17.17 -1.23 4.97
CA ILE D 79 16.72 -2.42 4.22
C ILE D 79 15.36 -2.18 3.58
N GLY D 80 14.42 -1.65 4.35
CA GLY D 80 13.06 -1.44 3.87
C GLY D 80 12.47 -0.22 4.53
N LEU D 81 11.20 0.02 4.25
CA LEU D 81 10.51 1.20 4.75
C LEU D 81 9.39 0.86 5.72
N SER D 82 9.26 -0.41 6.09
CA SER D 82 8.13 -0.84 6.88
C SER D 82 8.55 -1.18 8.31
N PRO D 83 7.63 -1.04 9.26
CA PRO D 83 7.96 -1.42 10.65
C PRO D 83 8.51 -2.82 10.75
N ASP D 84 8.16 -3.69 9.81
CA ASP D 84 8.57 -5.10 9.83
C ASP D 84 9.75 -5.39 8.91
N SER D 85 10.41 -4.36 8.40
CA SER D 85 11.63 -4.58 7.64
C SER D 85 12.78 -4.88 8.61
N GLN D 86 13.75 -5.65 8.12
CA GLN D 86 14.94 -5.90 8.92
C GLN D 86 15.66 -4.58 9.26
N GLU D 87 16.30 -4.56 10.42
CA GLU D 87 17.09 -3.42 10.83
C GLU D 87 18.56 -3.81 10.93
N ASP D 88 19.44 -2.88 10.55
CA ASP D 88 20.88 -3.06 10.65
C ASP D 88 21.30 -2.90 12.12
N GLU D 89 21.26 -4.00 12.87
CA GLU D 89 21.47 -3.90 14.30
C GLU D 89 22.93 -3.61 14.64
N SER D 90 23.86 -4.37 14.07
CA SER D 90 25.26 -4.07 14.34
C SER D 90 25.65 -2.70 13.79
N GLY D 91 25.08 -2.32 12.65
CA GLY D 91 25.37 -1.01 12.08
C GLY D 91 24.89 0.13 12.97
N ILE D 92 23.65 0.02 13.46
CA ILE D 92 23.12 1.02 14.38
C ILE D 92 24.01 1.11 15.62
N LYS D 93 24.35 -0.04 16.20
CA LYS D 93 25.13 -0.05 17.43
C LYS D 93 26.53 0.53 17.21
N GLN D 94 27.17 0.18 16.09
CA GLN D 94 28.49 0.77 15.82
C GLN D 94 28.38 2.28 15.70
N ALA D 95 27.41 2.77 14.92
CA ALA D 95 27.28 4.21 14.76
C ALA D 95 27.01 4.90 16.09
N ALA D 96 26.21 4.28 16.95
CA ALA D 96 25.94 4.88 18.26
C ALA D 96 27.21 5.02 19.08
N GLU D 97 28.11 4.03 18.98
CA GLU D 97 29.40 4.14 19.66
C GLU D 97 30.23 5.28 19.09
N ASN D 98 30.24 5.43 17.77
CA ASN D 98 30.93 6.57 17.16
C ASN D 98 30.36 7.88 17.65
N ILE D 99 29.03 7.94 17.87
CA ILE D 99 28.41 9.17 18.36
C ILE D 99 28.79 9.42 19.81
N LYS D 100 28.77 8.38 20.64
CA LYS D 100 29.21 8.54 22.02
C LYS D 100 30.65 9.04 22.07
N ALA D 101 31.51 8.47 21.23
CA ALA D 101 32.87 8.97 21.06
C ALA D 101 32.86 10.47 20.79
N LEU D 102 31.95 10.95 19.94
CA LEU D 102 31.85 12.38 19.64
C LEU D 102 31.44 13.17 20.88
N ILE D 103 30.47 12.66 21.63
CA ILE D 103 30.06 13.32 22.87
C ILE D 103 31.24 13.41 23.85
N ASP D 104 32.00 12.32 23.97
CA ASP D 104 33.13 12.33 24.90
C ASP D 104 34.16 13.40 24.51
N GLN D 105 34.50 13.48 23.22
CA GLN D 105 35.53 14.41 22.78
C GLN D 105 35.16 15.86 23.11
N GLU D 106 33.87 16.21 22.97
CA GLU D 106 33.45 17.55 23.37
C GLU D 106 33.57 17.72 24.89
N VAL D 107 33.07 16.75 25.66
CA VAL D 107 33.22 16.81 27.11
C VAL D 107 34.69 16.92 27.49
N LYS D 108 35.54 16.13 26.83
CA LYS D 108 36.98 16.24 27.06
C LYS D 108 37.47 17.67 26.87
N ASN D 109 36.95 18.36 25.86
CA ASN D 109 37.40 19.69 25.49
C ASN D 109 36.65 20.80 26.22
N GLY D 110 36.01 20.48 27.35
CA GLY D 110 35.49 21.49 28.26
C GLY D 110 33.98 21.67 28.28
N ILE D 111 33.24 21.01 27.39
CA ILE D 111 31.79 21.15 27.32
C ILE D 111 31.16 19.95 28.00
N PRO D 112 30.57 20.09 29.17
CA PRO D 112 30.05 18.93 29.91
C PRO D 112 28.82 18.33 29.25
N SER D 113 28.62 17.02 29.48
CA SER D 113 27.55 16.30 28.78
C SER D 113 26.20 16.95 29.00
N ASN D 114 25.89 17.37 30.26
CA ASN D 114 24.61 18.06 30.48
C ASN D 114 24.52 19.40 29.74
N ARG D 115 25.49 19.71 28.91
CA ARG D 115 25.46 20.90 28.07
C ARG D 115 25.41 20.55 26.58
N ILE D 116 25.21 19.27 26.27
CA ILE D 116 25.19 18.78 24.89
C ILE D 116 23.79 18.28 24.56
N ILE D 117 23.26 18.73 23.43
CA ILE D 117 21.97 18.29 22.91
C ILE D 117 22.24 17.40 21.70
N LEU D 118 21.67 16.21 21.72
CA LEU D 118 21.80 15.25 20.64
C LEU D 118 20.50 15.17 19.87
N GLY D 119 20.59 15.26 18.54
CA GLY D 119 19.40 15.23 17.70
C GLY D 119 19.78 14.90 16.27
N GLY D 120 18.77 14.74 15.43
CA GLY D 120 19.02 14.37 14.04
C GLY D 120 17.75 14.45 13.22
N PHE D 121 17.90 14.20 11.91
CA PHE D 121 16.78 14.16 10.96
C PHE D 121 16.72 12.79 10.33
N SER D 122 15.54 12.16 10.40
CA SER D 122 15.26 10.83 9.78
C SER D 122 16.24 9.85 10.43
N GLN D 123 17.01 9.06 9.67
CA GLN D 123 17.91 8.08 10.28
C GLN D 123 18.92 8.72 11.24
N GLY D 124 19.34 9.95 10.96
CA GLY D 124 20.11 10.69 11.94
C GLY D 124 19.33 10.90 13.23
N GLY D 125 18.03 11.17 13.12
CA GLY D 125 17.20 11.27 14.31
C GLY D 125 17.00 9.93 15.00
N ALA D 126 16.78 8.88 14.22
CA ALA D 126 16.68 7.54 14.81
C ALA D 126 17.94 7.20 15.59
N LEU D 127 19.11 7.46 14.99
CA LEU D 127 20.36 7.17 15.67
C LEU D 127 20.58 8.08 16.88
N SER D 128 20.02 9.30 16.86
CA SER D 128 20.07 10.19 18.03
C SER D 128 19.30 9.61 19.20
N LEU D 129 18.05 9.19 18.96
CA LEU D 129 17.22 8.64 20.03
C LEU D 129 17.89 7.43 20.66
N TYR D 130 18.26 6.45 19.84
CA TYR D 130 18.84 5.23 20.38
C TYR D 130 20.15 5.52 21.11
N THR D 131 20.93 6.49 20.62
CA THR D 131 22.17 6.84 21.29
C THR D 131 21.87 7.41 22.67
N ALA D 132 20.96 8.38 22.74
CA ALA D 132 20.66 9.02 24.03
C ALA D 132 20.01 8.05 25.03
N LEU D 133 19.22 7.09 24.55
CA LEU D 133 18.54 6.16 25.45
C LEU D 133 19.45 5.02 25.94
N THR D 134 20.62 4.85 25.35
CA THR D 134 21.51 3.76 25.72
C THR D 134 22.87 4.26 26.21
N THR D 135 23.03 5.57 26.39
CA THR D 135 24.27 6.14 26.88
C THR D 135 24.11 6.54 28.33
N GLN D 136 25.18 6.39 29.11
CA GLN D 136 25.18 6.91 30.47
C GLN D 136 25.67 8.34 30.53
N GLN D 137 26.26 8.86 29.44
CA GLN D 137 26.52 10.29 29.34
C GLN D 137 25.20 11.03 29.45
N LYS D 138 24.99 11.75 30.56
CA LYS D 138 23.74 12.48 30.77
C LYS D 138 23.71 13.72 29.87
N LEU D 139 22.69 13.82 29.03
CA LEU D 139 22.62 14.87 28.01
C LEU D 139 21.59 15.91 28.39
N ALA D 140 21.65 17.06 27.71
CA ALA D 140 20.71 18.12 27.97
C ALA D 140 19.36 17.92 27.27
N GLY D 141 19.31 17.05 26.27
CA GLY D 141 18.08 16.85 25.52
C GLY D 141 18.34 16.30 24.13
N VAL D 142 17.25 15.99 23.43
CA VAL D 142 17.29 15.40 22.09
C VAL D 142 16.30 16.14 21.18
N THR D 143 16.70 16.44 19.96
CA THR D 143 15.77 16.96 18.96
C THR D 143 15.69 15.93 17.83
N ALA D 144 14.60 15.17 17.80
CA ALA D 144 14.41 14.08 16.84
C ALA D 144 13.45 14.55 15.75
N LEU D 145 13.95 14.70 14.53
CA LEU D 145 13.18 15.26 13.42
C LEU D 145 12.84 14.17 12.40
N SER D 146 11.56 14.04 12.09
CA SER D 146 11.07 13.16 11.03
C SER D 146 11.74 11.79 11.10
N CYS D 147 11.51 11.09 12.21
CA CYS D 147 12.31 9.89 12.48
C CYS D 147 11.47 8.89 13.28
N TRP D 148 12.15 7.91 13.86
CA TRP D 148 11.53 6.76 14.49
C TRP D 148 12.55 6.18 15.46
N LEU D 149 12.07 5.28 16.34
CA LEU D 149 12.95 4.60 17.27
C LEU D 149 13.46 3.30 16.64
N PRO D 150 14.75 3.19 16.34
CA PRO D 150 15.27 1.92 15.82
C PRO D 150 15.44 0.90 16.94
N LEU D 151 15.47 -0.38 16.55
CA LEU D 151 15.59 -1.49 17.51
C LEU D 151 14.64 -1.31 18.69
N ARG D 152 13.35 -1.10 18.37
CA ARG D 152 12.35 -0.84 19.40
C ARG D 152 12.12 -2.04 20.30
N ALA D 153 12.10 -3.24 19.73
CA ALA D 153 11.81 -4.44 20.52
C ALA D 153 12.93 -4.77 21.50
N SER D 154 14.12 -4.19 21.32
CA SER D 154 15.22 -4.46 22.24
C SER D 154 15.12 -3.65 23.54
N PHE D 155 14.25 -2.66 23.59
CA PHE D 155 14.12 -1.86 24.80
C PHE D 155 13.21 -2.58 25.80
N PRO D 156 13.71 -2.93 27.01
CA PRO D 156 12.84 -3.53 28.02
C PRO D 156 11.60 -2.69 28.26
N GLN D 157 10.56 -3.32 28.80
CA GLN D 157 9.22 -2.76 28.66
C GLN D 157 8.77 -2.04 29.93
N GLY D 158 9.63 -1.10 30.36
CA GLY D 158 9.34 -0.19 31.44
C GLY D 158 10.35 0.94 31.41
N PRO D 159 10.12 2.00 32.19
CA PRO D 159 11.11 3.10 32.27
C PRO D 159 12.55 2.60 32.28
N ILE D 160 13.43 3.23 31.48
CA ILE D 160 14.81 2.77 31.36
C ILE D 160 15.68 3.10 32.56
N GLY D 161 15.23 3.99 33.44
CA GLY D 161 16.16 4.49 34.44
C GLY D 161 17.35 5.07 33.71
N GLY D 162 18.55 4.63 34.09
CA GLY D 162 19.74 5.08 33.38
C GLY D 162 19.91 6.59 33.34
N ALA D 163 21.03 7.04 32.79
CA ALA D 163 21.39 8.45 32.94
C ALA D 163 20.30 9.37 32.42
N ASN D 164 19.66 8.99 31.33
CA ASN D 164 18.75 9.90 30.63
C ASN D 164 17.30 9.46 30.76
N ARG D 165 16.89 9.06 31.97
CA ARG D 165 15.49 8.72 32.25
C ARG D 165 14.61 9.95 32.41
N ASP D 166 15.20 11.12 32.65
CA ASP D 166 14.43 12.37 32.78
C ASP D 166 14.80 13.35 31.67
N ILE D 167 15.27 12.84 30.54
CA ILE D 167 15.73 13.70 29.47
C ILE D 167 14.55 14.38 28.77
N SER D 168 14.78 15.61 28.31
CA SER D 168 13.83 16.31 27.47
C SER D 168 14.01 15.89 26.02
N ILE D 169 12.89 15.65 25.34
CA ILE D 169 12.88 15.24 23.94
C ILE D 169 11.88 16.09 23.18
N LEU D 170 12.33 16.72 22.10
CA LEU D 170 11.46 17.40 21.16
C LEU D 170 11.49 16.63 19.85
N GLN D 171 10.37 16.02 19.47
CA GLN D 171 10.28 15.27 18.23
C GLN D 171 9.34 15.98 17.28
N CYS D 172 9.81 16.19 16.05
CA CYS D 172 9.07 16.94 15.04
C CYS D 172 8.78 16.03 13.85
N HIS D 173 7.60 16.21 13.25
CA HIS D 173 7.25 15.42 12.09
C HIS D 173 6.32 16.21 11.17
N GLY D 174 6.51 16.04 9.86
CA GLY D 174 5.53 16.54 8.91
C GLY D 174 4.40 15.54 8.72
N ASP D 175 3.22 16.04 8.37
CA ASP D 175 2.05 15.17 8.23
C ASP D 175 1.82 14.71 6.80
N CYS D 176 2.68 15.10 5.85
CA CYS D 176 2.67 14.52 4.50
C CYS D 176 4.01 13.88 4.12
N ASP D 177 4.72 13.35 5.10
CA ASP D 177 6.00 12.68 4.83
C ASP D 177 5.79 11.33 4.17
N PRO D 178 6.30 11.09 2.97
CA PRO D 178 6.05 9.79 2.31
C PRO D 178 7.11 8.74 2.63
N LEU D 179 8.30 9.16 3.07
CA LEU D 179 9.35 8.22 3.41
C LEU D 179 9.23 7.72 4.85
N VAL D 180 9.06 8.62 5.81
CA VAL D 180 8.82 8.26 7.19
C VAL D 180 7.46 8.80 7.60
N PRO D 181 6.41 7.99 7.53
CA PRO D 181 5.05 8.49 7.76
C PRO D 181 4.86 8.96 9.19
N LEU D 182 3.95 9.93 9.33
CA LEU D 182 3.74 10.60 10.60
C LEU D 182 3.43 9.61 11.71
N MET D 183 2.72 8.52 11.39
CA MET D 183 2.39 7.52 12.39
C MET D 183 3.65 6.88 12.98
N PHE D 184 4.71 6.72 12.18
CA PHE D 184 5.95 6.18 12.72
C PHE D 184 6.50 7.05 13.84
N GLY D 185 6.38 8.37 13.70
CA GLY D 185 6.84 9.33 14.68
C GLY D 185 5.93 9.41 15.88
N SER D 186 4.62 9.45 15.64
CA SER D 186 3.66 9.60 16.74
C SER D 186 3.60 8.35 17.60
N LEU D 187 3.86 7.18 17.01
CA LEU D 187 4.00 5.98 17.81
C LEU D 187 5.37 5.90 18.46
N THR D 188 6.39 6.47 17.80
CA THR D 188 7.72 6.55 18.42
C THR D 188 7.68 7.42 19.66
N VAL D 189 6.95 8.54 19.61
CA VAL D 189 6.87 9.41 20.78
C VAL D 189 6.13 8.71 21.91
N GLU D 190 4.99 8.07 21.62
CA GLU D 190 4.26 7.35 22.66
C GLU D 190 5.15 6.31 23.34
N LYS D 191 6.02 5.67 22.57
CA LYS D 191 6.92 4.68 23.16
C LYS D 191 7.99 5.34 24.01
N LEU D 192 8.53 6.48 23.54
CA LEU D 192 9.47 7.25 24.36
C LEU D 192 8.84 7.69 25.66
N LYS D 193 7.54 7.98 25.66
CA LYS D 193 6.86 8.41 26.87
C LYS D 193 6.66 7.27 27.87
N THR D 194 6.97 6.03 27.49
CA THR D 194 7.05 4.93 28.45
C THR D 194 8.48 4.55 28.78
N LEU D 195 9.47 5.13 28.09
CA LEU D 195 10.87 4.86 28.39
C LEU D 195 11.50 5.92 29.28
N VAL D 196 11.16 7.20 29.07
CA VAL D 196 11.64 8.29 29.89
C VAL D 196 10.42 9.03 30.46
N ASN D 197 10.68 9.98 31.34
CA ASN D 197 9.59 10.71 31.97
C ASN D 197 8.72 11.35 30.90
N PRO D 198 7.41 11.10 30.88
CA PRO D 198 6.56 11.69 29.84
C PRO D 198 6.37 13.20 29.93
N ALA D 199 6.66 13.83 31.07
CA ALA D 199 6.44 15.27 31.17
C ALA D 199 7.46 16.08 30.35
N ASN D 200 8.61 15.49 30.03
CA ASN D 200 9.67 16.17 29.30
C ASN D 200 9.72 15.83 27.81
N VAL D 201 8.74 15.08 27.31
CA VAL D 201 8.66 14.68 25.90
C VAL D 201 7.49 15.41 25.25
N THR D 202 7.78 16.15 24.18
CA THR D 202 6.74 16.83 23.42
C THR D 202 6.86 16.45 21.94
N PHE D 203 5.71 16.42 21.27
CA PHE D 203 5.59 16.01 19.88
C PHE D 203 4.91 17.13 19.10
N LYS D 204 5.52 17.55 17.99
CA LYS D 204 5.02 18.66 17.20
C LYS D 204 4.84 18.24 15.75
N THR D 205 3.70 18.60 15.18
CA THR D 205 3.31 18.24 13.82
C THR D 205 3.25 19.49 12.95
N TYR D 206 3.75 19.39 11.72
CA TYR D 206 3.79 20.51 10.80
C TYR D 206 2.93 20.23 9.56
N GLU D 207 1.77 20.90 9.50
CA GLU D 207 0.81 20.64 8.44
C GLU D 207 1.44 20.83 7.07
N GLY D 208 1.22 19.88 6.17
CA GLY D 208 1.67 19.96 4.81
C GLY D 208 3.13 19.63 4.57
N MET D 209 3.94 19.55 5.62
CA MET D 209 5.37 19.31 5.44
C MET D 209 5.63 17.85 5.12
N MET D 210 6.62 17.61 4.26
CA MET D 210 6.91 16.25 3.79
C MET D 210 8.18 15.73 4.47
N HIS D 211 9.03 15.01 3.75
CA HIS D 211 10.28 14.54 4.34
C HIS D 211 11.30 15.66 4.19
N SER D 212 11.20 16.61 5.12
CA SER D 212 12.00 17.83 5.06
C SER D 212 11.79 18.64 6.33
N SER D 213 12.09 19.94 6.25
CA SER D 213 12.04 20.86 7.38
C SER D 213 11.18 22.06 6.99
N CYS D 214 10.92 22.96 7.95
CA CYS D 214 10.31 24.22 7.59
C CYS D 214 10.71 25.26 8.64
N GLN D 215 10.37 26.51 8.36
CA GLN D 215 10.73 27.61 9.23
C GLN D 215 10.17 27.44 10.63
N GLN D 216 8.88 27.17 10.75
N GLN D 216 8.86 27.17 10.73
CA GLN D 216 8.29 27.05 12.08
CA GLN D 216 8.22 27.00 12.03
C GLN D 216 8.94 25.92 12.87
C GLN D 216 8.91 25.92 12.84
N GLU D 217 9.29 24.81 12.19
CA GLU D 217 9.96 23.72 12.88
C GLU D 217 11.31 24.18 13.43
N MET D 218 12.09 24.90 12.62
CA MET D 218 13.39 25.39 13.07
C MET D 218 13.26 26.30 14.29
N MET D 219 12.23 27.15 14.31
CA MET D 219 12.03 28.05 15.45
C MET D 219 11.60 27.30 16.71
N ASP D 220 10.84 26.21 16.55
CA ASP D 220 10.57 25.36 17.70
C ASP D 220 11.85 24.71 18.21
N VAL D 221 12.69 24.24 17.29
CA VAL D 221 13.99 23.70 17.69
C VAL D 221 14.80 24.76 18.43
N LYS D 222 14.73 26.01 17.97
CA LYS D 222 15.49 27.08 18.62
C LYS D 222 15.02 27.27 20.07
N GLN D 223 13.72 27.46 20.28
CA GLN D 223 13.21 27.65 21.63
C GLN D 223 13.56 26.46 22.52
N PHE D 224 13.43 25.24 22.00
CA PHE D 224 13.86 24.06 22.73
C PHE D 224 15.33 24.17 23.15
N ILE D 225 16.21 24.39 22.17
CA ILE D 225 17.64 24.46 22.45
C ILE D 225 17.94 25.62 23.40
N ASP D 226 17.35 26.79 23.12
CA ASP D 226 17.64 27.99 23.91
C ASP D 226 17.05 27.92 25.32
N LYS D 227 16.09 27.03 25.55
CA LYS D 227 15.50 26.90 26.88
C LYS D 227 16.31 25.95 27.76
N LEU D 228 16.82 24.86 27.18
CA LEU D 228 17.61 23.89 27.93
C LEU D 228 19.08 24.24 27.99
N LEU D 229 19.59 25.02 27.03
CA LEU D 229 20.99 25.46 27.01
C LEU D 229 21.08 26.99 27.12
N PRO D 230 20.50 27.58 28.16
CA PRO D 230 20.59 29.05 28.33
C PRO D 230 22.03 29.47 28.55
N PRO D 231 22.37 30.73 28.30
CA PRO D 231 23.75 31.17 28.53
C PRO D 231 24.13 31.05 30.00
N ILE D 232 25.38 30.68 30.26
CA ILE D 232 25.95 30.84 31.60
C ILE D 232 26.35 32.28 31.85
N ASP D 233 26.23 33.15 30.85
CA ASP D 233 26.42 34.59 30.99
C ASP D 233 25.15 35.24 31.52
#